data_4N27
#
_entry.id   4N27
#
_cell.length_a   102.430
_cell.length_b   57.440
_cell.length_c   127.610
_cell.angle_alpha   90.00
_cell.angle_beta   91.84
_cell.angle_gamma   90.00
#
_symmetry.space_group_name_H-M   'P 1 21 1'
#
loop_
_entity.id
_entity.type
_entity.pdbx_description
1 polymer 'Bacterial transferase hexapeptide repeat'
2 non-polymer 'ZINC ION'
3 non-polymer 3,6,9,12,15,18,21,24-OCTAOXAHEXACOSAN-1-OL
4 water water
#
_entity_poly.entity_id   1
_entity_poly.type   'polypeptide(L)'
_entity_poly.pdbx_seq_one_letter_code
;MGSSHHHHHHSSGLVPRGSHMPIYAYNGHKPQFADRESNWIAPDATLIGKVVVGENAGFWFGAVLRGDNEPITIGADTNV
QEQTIMHTDIGFPLTIGAGCTIGHRAILHGCTIGENTLIGMGAIVLNGAKVGKNCLIGAGTLVKEGMEIPDNSLVVGSPA
RVLRQLDDAAVEKLRASAKHYVERGHSFMRGMEPA
;
_entity_poly.pdbx_strand_id   A,B,C,D,E,F
#
# COMPACT_ATOMS: atom_id res chain seq x y z
N MET A 21 -4.43 43.05 -13.81
CA MET A 21 -3.75 41.81 -14.16
C MET A 21 -2.55 41.59 -13.25
N PRO A 22 -2.64 40.60 -12.35
CA PRO A 22 -1.50 40.23 -11.50
C PRO A 22 -0.46 39.36 -12.22
N ILE A 23 0.12 39.89 -13.30
CA ILE A 23 1.35 39.32 -13.86
C ILE A 23 2.49 40.21 -13.37
N TYR A 24 3.40 39.64 -12.58
CA TYR A 24 4.43 40.42 -11.89
C TYR A 24 5.85 40.05 -12.29
N ALA A 25 6.73 41.05 -12.35
CA ALA A 25 8.14 40.80 -12.52
C ALA A 25 8.81 40.93 -11.15
N TYR A 26 9.83 40.13 -10.90
CA TYR A 26 10.54 40.13 -9.62
C TYR A 26 12.07 40.07 -9.80
N ASN A 27 12.80 40.97 -9.12
CA ASN A 27 14.28 41.04 -9.21
C ASN A 27 14.80 41.12 -10.63
N GLY A 28 14.09 41.82 -11.49
CA GLY A 28 14.53 41.96 -12.87
C GLY A 28 14.03 40.90 -13.83
N HIS A 29 13.56 39.77 -13.31
CA HIS A 29 13.08 38.69 -14.18
C HIS A 29 11.59 38.84 -14.41
N LYS A 30 11.19 38.52 -15.63
CA LYS A 30 9.81 38.65 -16.04
C LYS A 30 9.33 37.34 -16.64
N PRO A 31 8.03 37.06 -16.51
CA PRO A 31 7.45 35.92 -17.23
C PRO A 31 7.63 36.06 -18.76
N GLN A 32 8.11 35.04 -19.42
CA GLN A 32 8.25 35.12 -20.86
C GLN A 32 7.22 34.22 -21.55
N PHE A 33 6.46 34.80 -22.48
CA PHE A 33 5.44 34.01 -23.17
C PHE A 33 5.89 33.68 -24.59
N ALA A 34 5.96 32.39 -24.89
CA ALA A 34 6.32 31.95 -26.22
C ALA A 34 5.35 32.54 -27.21
N ASP A 35 4.08 32.53 -26.85
CA ASP A 35 3.06 33.08 -27.71
C ASP A 35 1.95 33.64 -26.83
N ARG A 36 2.17 34.86 -26.33
CA ARG A 36 1.22 35.53 -25.49
C ARG A 36 -0.01 35.74 -26.36
N GLU A 37 -1.16 35.96 -25.74
CA GLU A 37 -2.45 36.09 -26.44
C GLU A 37 -2.96 34.75 -26.95
N SER A 38 -2.17 33.69 -26.78
CA SER A 38 -2.69 32.33 -27.00
C SER A 38 -2.99 31.80 -25.60
N ASN A 39 -2.47 32.51 -24.62
CA ASN A 39 -2.58 32.16 -23.21
C ASN A 39 -3.81 32.73 -22.53
N TRP A 40 -4.62 31.83 -22.00
CA TRP A 40 -5.73 32.20 -21.17
C TRP A 40 -5.18 32.52 -19.79
N ILE A 41 -5.51 33.71 -19.27
CA ILE A 41 -5.16 34.08 -17.92
C ILE A 41 -6.35 34.67 -17.16
N ALA A 42 -6.87 33.92 -16.21
CA ALA A 42 -7.96 34.41 -15.41
C ALA A 42 -7.47 35.64 -14.67
N PRO A 43 -8.38 36.58 -14.38
CA PRO A 43 -7.99 37.83 -13.71
C PRO A 43 -7.37 37.60 -12.34
N ASP A 44 -7.70 36.48 -11.70
CA ASP A 44 -7.22 36.08 -10.37
C ASP A 44 -5.85 35.41 -10.38
N ALA A 45 -5.45 34.93 -11.55
CA ALA A 45 -4.20 34.19 -11.68
C ALA A 45 -2.99 35.11 -11.42
N THR A 46 -1.90 34.54 -10.90
CA THR A 46 -0.72 35.31 -10.53
C THR A 46 0.55 34.63 -11.03
N LEU A 47 1.27 35.34 -11.88
CA LEU A 47 2.52 34.84 -12.43
C LEU A 47 3.66 35.74 -11.96
N ILE A 48 4.73 35.14 -11.43
CA ILE A 48 5.82 35.92 -10.82
C ILE A 48 7.22 35.42 -11.16
N GLY A 49 8.08 36.31 -11.69
CA GLY A 49 9.50 36.02 -11.85
C GLY A 49 9.84 34.99 -12.91
N LYS A 50 10.78 34.08 -12.61
CA LYS A 50 11.27 33.17 -13.64
C LYS A 50 10.22 32.13 -14.06
N VAL A 51 9.25 32.58 -14.85
CA VAL A 51 8.23 31.69 -15.39
C VAL A 51 8.28 31.68 -16.91
N VAL A 52 8.42 30.49 -17.49
CA VAL A 52 8.37 30.33 -18.94
C VAL A 52 7.09 29.61 -19.34
N VAL A 53 6.31 30.29 -20.19
CA VAL A 53 4.95 29.90 -20.55
C VAL A 53 4.86 29.42 -21.98
N GLY A 54 4.44 28.16 -22.15
CA GLY A 54 4.28 27.61 -23.48
C GLY A 54 3.16 28.28 -24.27
N GLU A 55 2.73 27.62 -25.32
CA GLU A 55 1.68 28.17 -26.18
C GLU A 55 0.36 27.51 -25.81
N ASN A 56 -0.73 28.28 -25.87
CA ASN A 56 -2.06 27.80 -25.49
C ASN A 56 -2.21 27.38 -24.02
N ALA A 57 -1.15 27.52 -23.23
CA ALA A 57 -1.24 27.20 -21.83
C ALA A 57 -2.31 28.08 -21.21
N GLY A 58 -3.07 27.50 -20.27
CA GLY A 58 -4.12 28.24 -19.63
C GLY A 58 -3.97 28.23 -18.11
N PHE A 59 -4.23 29.37 -17.50
CA PHE A 59 -4.10 29.51 -16.07
C PHE A 59 -5.43 29.99 -15.50
N TRP A 60 -6.07 29.14 -14.70
CA TRP A 60 -7.41 29.46 -14.24
C TRP A 60 -7.43 30.17 -12.90
N PHE A 61 -8.64 30.38 -12.39
CA PHE A 61 -8.88 31.28 -11.28
C PHE A 61 -8.10 30.92 -10.04
N GLY A 62 -7.43 31.93 -9.49
CA GLY A 62 -6.75 31.79 -8.22
C GLY A 62 -5.41 31.09 -8.27
N ALA A 63 -4.94 30.72 -9.46
CA ALA A 63 -3.62 30.08 -9.57
C ALA A 63 -2.48 30.98 -9.11
N VAL A 64 -1.38 30.36 -8.66
CA VAL A 64 -0.20 31.13 -8.27
C VAL A 64 1.09 30.44 -8.73
N LEU A 65 1.87 31.11 -9.58
CA LEU A 65 3.22 30.60 -9.91
C LEU A 65 4.32 31.55 -9.40
N ARG A 66 4.98 31.18 -8.30
CA ARG A 66 6.04 32.01 -7.71
C ARG A 66 7.44 31.51 -8.08
N GLY A 67 7.96 32.02 -9.19
CA GLY A 67 9.28 31.63 -9.68
C GLY A 67 10.39 32.56 -9.25
N ASP A 68 10.68 32.57 -7.96
CA ASP A 68 11.66 33.51 -7.38
C ASP A 68 12.98 32.84 -7.04
N ASN A 69 12.96 31.52 -6.96
CA ASN A 69 14.18 30.74 -6.75
C ASN A 69 14.59 30.15 -8.11
N GLU A 70 14.32 28.86 -8.33
CA GLU A 70 14.52 28.24 -9.63
C GLU A 70 13.39 28.57 -10.62
N PRO A 71 13.64 28.43 -11.93
CA PRO A 71 12.59 28.83 -12.87
C PRO A 71 11.46 27.80 -13.04
N ILE A 72 10.28 28.28 -13.41
CA ILE A 72 9.09 27.45 -13.60
C ILE A 72 8.72 27.37 -15.09
N THR A 73 8.78 26.18 -15.68
CA THR A 73 8.58 26.03 -17.13
C THR A 73 7.33 25.26 -17.47
N ILE A 74 6.39 25.95 -18.11
CA ILE A 74 5.10 25.34 -18.38
C ILE A 74 4.99 24.92 -19.84
N GLY A 75 5.04 23.60 -20.07
CA GLY A 75 4.92 23.07 -21.41
C GLY A 75 3.68 23.54 -22.14
N ALA A 76 3.70 23.43 -23.46
CA ALA A 76 2.65 23.98 -24.28
C ALA A 76 1.40 23.13 -24.20
N ASP A 77 0.25 23.76 -24.47
CA ASP A 77 -1.04 23.10 -24.45
C ASP A 77 -1.36 22.50 -23.07
N THR A 78 -0.71 23.00 -22.02
CA THR A 78 -0.88 22.47 -20.68
C THR A 78 -1.83 23.39 -19.88
N ASN A 79 -2.83 22.80 -19.24
CA ASN A 79 -3.79 23.58 -18.45
C ASN A 79 -3.45 23.56 -16.97
N VAL A 80 -3.49 24.73 -16.37
CA VAL A 80 -3.28 24.84 -14.94
C VAL A 80 -4.52 25.33 -14.22
N GLN A 81 -5.23 24.39 -13.60
CA GLN A 81 -6.53 24.69 -13.05
C GLN A 81 -6.54 25.51 -11.75
N GLU A 82 -7.74 25.80 -11.25
CA GLU A 82 -7.97 26.73 -10.15
C GLU A 82 -7.02 26.60 -8.99
N GLN A 83 -6.42 27.72 -8.59
CA GLN A 83 -5.70 27.80 -7.32
C GLN A 83 -4.61 26.79 -7.14
N THR A 84 -4.06 26.34 -8.27
CA THR A 84 -2.86 25.55 -8.31
C THR A 84 -1.70 26.39 -7.77
N ILE A 85 -0.85 25.80 -6.95
CA ILE A 85 0.33 26.50 -6.50
C ILE A 85 1.59 25.88 -7.06
N MET A 86 2.44 26.66 -7.72
CA MET A 86 3.73 26.14 -8.16
C MET A 86 4.88 26.95 -7.56
N HIS A 87 5.88 26.24 -7.05
CA HIS A 87 7.01 26.89 -6.38
C HIS A 87 8.29 26.03 -6.48
N THR A 88 9.41 26.59 -6.03
CA THR A 88 10.71 25.92 -6.07
C THR A 88 11.56 26.22 -4.84
N ASP A 89 12.50 25.33 -4.58
CA ASP A 89 13.64 25.60 -3.71
C ASP A 89 14.88 25.54 -4.59
N ILE A 90 15.90 26.32 -4.24
CA ILE A 90 17.11 26.42 -5.07
C ILE A 90 17.75 25.04 -5.27
N GLY A 91 18.02 24.72 -6.54
CA GLY A 91 18.49 23.39 -6.91
C GLY A 91 17.42 22.54 -7.56
N PHE A 92 16.17 22.99 -7.52
CA PHE A 92 15.06 22.19 -8.02
C PHE A 92 14.17 22.95 -8.99
N PRO A 93 14.59 23.02 -10.27
CA PRO A 93 13.73 23.70 -11.24
C PRO A 93 12.46 22.92 -11.39
N LEU A 94 11.39 23.61 -11.76
CA LEU A 94 10.10 22.97 -11.95
C LEU A 94 9.75 23.06 -13.42
N THR A 95 9.63 21.90 -14.05
CA THR A 95 9.42 21.80 -15.49
C THR A 95 8.22 20.89 -15.83
N ILE A 96 7.32 21.38 -16.67
CA ILE A 96 6.14 20.59 -17.04
C ILE A 96 6.18 20.29 -18.54
N GLY A 97 6.04 19.00 -18.87
CA GLY A 97 6.00 18.57 -20.25
C GLY A 97 4.87 19.23 -21.00
N ALA A 98 4.65 18.85 -22.25
CA ALA A 98 3.63 19.53 -23.03
C ALA A 98 2.29 18.76 -22.94
N GLY A 99 1.20 19.52 -23.09
CA GLY A 99 -0.14 18.98 -23.04
C GLY A 99 -0.45 18.24 -21.75
N CYS A 100 -0.04 18.80 -20.61
CA CYS A 100 -0.34 18.20 -19.32
C CYS A 100 -1.59 18.84 -18.70
N THR A 101 -2.30 18.06 -17.89
CA THR A 101 -3.48 18.60 -17.22
C THR A 101 -3.21 18.65 -15.72
N ILE A 102 -3.07 19.86 -15.17
CA ILE A 102 -2.84 20.01 -13.74
C ILE A 102 -4.15 20.28 -12.99
N GLY A 103 -4.69 19.27 -12.32
CA GLY A 103 -5.99 19.36 -11.69
C GLY A 103 -6.21 20.46 -10.66
N HIS A 104 -7.48 20.72 -10.33
CA HIS A 104 -7.86 21.76 -9.37
C HIS A 104 -7.01 21.68 -8.10
N ARG A 105 -6.38 22.79 -7.71
CA ARG A 105 -5.78 22.92 -6.38
C ARG A 105 -4.60 21.94 -6.15
N ALA A 106 -3.86 21.62 -7.21
CA ALA A 106 -2.63 20.83 -7.08
C ALA A 106 -1.52 21.67 -6.50
N ILE A 107 -0.53 21.01 -5.90
CA ILE A 107 0.72 21.71 -5.52
C ILE A 107 1.88 21.05 -6.19
N LEU A 108 2.64 21.83 -6.96
CA LEU A 108 3.84 21.31 -7.58
C LEU A 108 5.01 22.06 -7.04
N HIS A 109 5.96 21.34 -6.44
CA HIS A 109 7.16 21.96 -5.89
C HIS A 109 8.45 21.35 -6.45
N GLY A 110 9.17 22.11 -7.26
CA GLY A 110 10.51 21.73 -7.74
C GLY A 110 10.60 20.33 -8.33
N CYS A 111 9.71 20.02 -9.26
CA CYS A 111 9.66 18.66 -9.79
C CYS A 111 9.63 18.74 -11.29
N THR A 112 9.70 17.59 -11.94
CA THR A 112 9.68 17.56 -13.39
C THR A 112 8.64 16.55 -13.81
N ILE A 113 7.84 16.94 -14.79
CA ILE A 113 6.71 16.15 -15.22
C ILE A 113 6.72 15.91 -16.73
N GLY A 114 6.64 14.63 -17.12
CA GLY A 114 6.62 14.24 -18.51
C GLY A 114 5.43 14.77 -19.27
N GLU A 115 5.53 14.78 -20.61
CA GLU A 115 4.44 15.25 -21.45
C GLU A 115 3.21 14.37 -21.32
N ASN A 116 2.07 14.99 -21.61
CA ASN A 116 0.77 14.32 -21.60
C ASN A 116 0.43 13.60 -20.29
N THR A 117 0.72 14.25 -19.17
CA THR A 117 0.45 13.63 -17.87
C THR A 117 -0.66 14.38 -17.14
N LEU A 118 -1.46 13.64 -16.39
CA LEU A 118 -2.47 14.29 -15.56
C LEU A 118 -2.12 14.29 -14.05
N ILE A 119 -2.00 15.48 -13.46
CA ILE A 119 -1.87 15.56 -12.00
C ILE A 119 -3.22 15.92 -11.42
N GLY A 120 -3.88 14.93 -10.82
CA GLY A 120 -5.22 15.04 -10.26
C GLY A 120 -5.43 16.17 -9.27
N MET A 121 -6.69 16.58 -9.13
CA MET A 121 -7.02 17.68 -8.24
C MET A 121 -6.59 17.37 -6.81
N GLY A 122 -6.07 18.39 -6.14
CA GLY A 122 -5.61 18.24 -4.76
C GLY A 122 -4.36 17.42 -4.56
N ALA A 123 -3.68 17.04 -5.64
CA ALA A 123 -2.49 16.23 -5.52
C ALA A 123 -1.26 17.08 -5.21
N ILE A 124 -0.29 16.47 -4.53
CA ILE A 124 0.93 17.15 -4.09
C ILE A 124 2.16 16.45 -4.61
N VAL A 125 2.97 17.16 -5.38
CA VAL A 125 4.21 16.60 -5.92
C VAL A 125 5.38 17.41 -5.38
N LEU A 126 6.30 16.76 -4.67
CA LEU A 126 7.37 17.47 -3.92
C LEU A 126 8.75 17.52 -4.65
N ASN A 127 9.71 18.24 -4.07
CA ASN A 127 11.02 18.48 -4.72
C ASN A 127 11.75 17.26 -5.28
N GLY A 128 12.20 17.38 -6.53
CA GLY A 128 13.06 16.38 -7.13
C GLY A 128 12.34 15.16 -7.67
N ALA A 129 11.03 15.18 -7.54
CA ALA A 129 10.22 14.10 -8.07
C ALA A 129 10.28 14.16 -9.60
N LYS A 130 10.20 12.99 -10.23
CA LYS A 130 10.24 12.89 -11.68
C LYS A 130 9.09 12.02 -12.16
N VAL A 131 8.08 12.64 -12.76
CA VAL A 131 6.91 11.92 -13.23
C VAL A 131 7.00 11.72 -14.73
N GLY A 132 6.78 10.48 -15.17
CA GLY A 132 6.95 10.14 -16.57
C GLY A 132 5.97 10.79 -17.52
N LYS A 133 6.00 10.39 -18.80
CA LYS A 133 5.03 10.89 -19.76
C LYS A 133 3.82 9.94 -19.78
N ASN A 134 2.69 10.42 -20.28
CA ASN A 134 1.45 9.64 -20.30
C ASN A 134 1.05 9.12 -18.93
N CYS A 135 1.21 9.91 -17.88
CA CYS A 135 0.89 9.37 -16.55
C CYS A 135 -0.41 9.92 -15.97
N LEU A 136 -1.05 9.10 -15.19
CA LEU A 136 -2.21 9.56 -14.47
C LEU A 136 -1.98 9.49 -12.96
N ILE A 137 -1.79 10.66 -12.35
CA ILE A 137 -1.72 10.76 -10.88
C ILE A 137 -3.08 11.14 -10.32
N GLY A 138 -3.69 10.23 -9.57
CA GLY A 138 -5.06 10.40 -9.08
C GLY A 138 -5.20 11.56 -8.11
N ALA A 139 -6.42 12.03 -7.90
CA ALA A 139 -6.70 13.09 -6.93
C ALA A 139 -6.22 12.70 -5.56
N GLY A 140 -5.73 13.67 -4.79
CA GLY A 140 -5.31 13.44 -3.41
C GLY A 140 -4.01 12.70 -3.21
N THR A 141 -3.27 12.49 -4.30
CA THR A 141 -2.02 11.74 -4.26
C THR A 141 -0.87 12.59 -3.72
N LEU A 142 0.00 11.97 -2.93
CA LEU A 142 1.21 12.62 -2.45
C LEU A 142 2.46 11.93 -2.97
N VAL A 143 3.12 12.60 -3.92
CA VAL A 143 4.36 12.11 -4.53
C VAL A 143 5.55 12.71 -3.82
N LYS A 144 6.20 11.92 -2.98
CA LYS A 144 7.24 12.43 -2.08
C LYS A 144 8.50 12.84 -2.82
N GLU A 145 9.38 13.58 -2.13
CA GLU A 145 10.58 14.09 -2.75
C GLU A 145 11.38 13.01 -3.45
N GLY A 146 11.77 13.30 -4.67
CA GLY A 146 12.62 12.41 -5.44
C GLY A 146 11.97 11.14 -5.94
N MET A 147 10.66 11.00 -5.78
CA MET A 147 10.02 9.79 -6.29
C MET A 147 10.04 9.81 -7.82
N GLU A 148 10.30 8.65 -8.40
CA GLU A 148 10.34 8.54 -9.85
C GLU A 148 9.21 7.62 -10.33
N ILE A 149 8.47 8.12 -11.30
CA ILE A 149 7.27 7.42 -11.74
C ILE A 149 7.42 7.09 -13.22
N PRO A 150 7.50 5.78 -13.54
CA PRO A 150 7.69 5.33 -14.93
C PRO A 150 6.61 5.84 -15.87
N ASP A 151 6.94 5.98 -17.15
CA ASP A 151 5.97 6.41 -18.15
C ASP A 151 4.73 5.53 -18.17
N ASN A 152 3.60 6.10 -18.59
CA ASN A 152 2.37 5.32 -18.77
C ASN A 152 1.82 4.72 -17.47
N SER A 153 2.18 5.36 -16.36
CA SER A 153 1.79 4.87 -15.03
C SER A 153 0.48 5.45 -14.49
N LEU A 154 -0.24 4.60 -13.77
CA LEU A 154 -1.35 5.06 -12.95
C LEU A 154 -0.87 5.07 -11.49
N VAL A 155 -1.00 6.22 -10.83
CA VAL A 155 -0.49 6.39 -9.48
C VAL A 155 -1.57 6.91 -8.56
N VAL A 156 -1.82 6.24 -7.44
CA VAL A 156 -2.78 6.77 -6.46
C VAL A 156 -2.28 6.66 -5.01
N GLY A 157 -2.85 7.47 -4.13
CA GLY A 157 -2.59 7.29 -2.71
C GLY A 157 -1.70 8.32 -2.05
N SER A 158 -1.65 8.20 -0.73
CA SER A 158 -0.81 9.01 0.14
C SER A 158 -0.35 8.14 1.31
N PRO A 159 0.85 7.56 1.23
CA PRO A 159 1.90 7.73 0.19
C PRO A 159 1.54 7.16 -1.17
N ALA A 160 2.05 7.76 -2.24
CA ALA A 160 1.72 7.33 -3.59
C ALA A 160 2.24 5.94 -3.89
N ARG A 161 1.44 5.14 -4.58
CA ARG A 161 1.89 3.83 -5.06
C ARG A 161 1.61 3.71 -6.55
N VAL A 162 2.54 3.08 -7.27
CA VAL A 162 2.39 2.82 -8.69
C VAL A 162 1.53 1.61 -8.89
N LEU A 163 0.38 1.81 -9.51
CA LEU A 163 -0.62 0.77 -9.54
C LEU A 163 -0.42 -0.23 -10.68
N ARG A 164 -0.32 0.28 -11.89
CA ARG A 164 -0.20 -0.56 -13.09
C ARG A 164 0.12 0.38 -14.25
N GLN A 165 0.14 -0.16 -15.45
CA GLN A 165 0.28 0.71 -16.60
C GLN A 165 -1.06 0.98 -17.23
N LEU A 166 -1.16 2.11 -17.91
CA LEU A 166 -2.36 2.52 -18.60
C LEU A 166 -2.48 1.90 -19.99
N ASP A 167 -3.68 1.48 -20.38
CA ASP A 167 -3.92 1.04 -21.75
C ASP A 167 -3.96 2.27 -22.67
N ASP A 168 -3.92 2.04 -23.98
CA ASP A 168 -3.84 3.14 -24.94
C ASP A 168 -5.10 3.99 -24.98
N ALA A 169 -6.22 3.42 -24.55
CA ALA A 169 -7.47 4.16 -24.48
C ALA A 169 -7.39 5.23 -23.38
N ALA A 170 -6.79 4.86 -22.24
CA ALA A 170 -6.60 5.80 -21.16
C ALA A 170 -5.66 6.94 -21.55
N VAL A 171 -4.53 6.59 -22.15
CA VAL A 171 -3.54 7.53 -22.58
C VAL A 171 -4.11 8.51 -23.57
N GLU A 172 -5.15 8.06 -24.27
CA GLU A 172 -5.80 8.90 -25.26
C GLU A 172 -6.68 9.92 -24.56
N LYS A 173 -7.33 9.51 -23.48
CA LYS A 173 -8.13 10.45 -22.72
C LYS A 173 -7.23 11.55 -22.14
N LEU A 174 -5.98 11.24 -21.82
CA LEU A 174 -5.05 12.29 -21.42
C LEU A 174 -4.87 13.32 -22.53
N ARG A 175 -4.59 12.86 -23.75
CA ARG A 175 -4.44 13.77 -24.89
C ARG A 175 -5.73 14.56 -25.13
N ALA A 176 -6.86 13.88 -25.01
CA ALA A 176 -8.17 14.52 -25.20
C ALA A 176 -8.38 15.64 -24.21
N SER A 177 -8.11 15.35 -22.92
CA SER A 177 -8.23 16.33 -21.85
C SER A 177 -7.47 17.60 -22.14
N ALA A 178 -6.21 17.45 -22.51
CA ALA A 178 -5.40 18.62 -22.76
C ALA A 178 -5.98 19.44 -23.90
N LYS A 179 -6.51 18.74 -24.89
CA LYS A 179 -7.05 19.38 -26.07
C LYS A 179 -8.31 20.20 -25.77
N HIS A 180 -9.22 19.64 -24.96
CA HIS A 180 -10.45 20.36 -24.62
C HIS A 180 -10.12 21.58 -23.80
N TYR A 181 -9.11 21.48 -22.94
CA TYR A 181 -8.81 22.60 -22.09
C TYR A 181 -8.24 23.75 -22.91
N VAL A 182 -7.50 23.45 -23.97
CA VAL A 182 -7.06 24.53 -24.87
C VAL A 182 -8.24 25.31 -25.46
N GLU A 183 -9.22 24.58 -26.03
CA GLU A 183 -10.42 25.20 -26.61
C GLU A 183 -11.19 25.98 -25.55
N ARG A 184 -11.41 25.32 -24.41
CA ARG A 184 -12.15 25.93 -23.32
C ARG A 184 -11.44 27.18 -22.84
N GLY A 185 -10.12 27.14 -22.80
CA GLY A 185 -9.38 28.35 -22.44
C GLY A 185 -9.70 29.50 -23.37
N HIS A 186 -9.55 29.26 -24.68
CA HIS A 186 -9.83 30.28 -25.70
C HIS A 186 -11.27 30.74 -25.64
N SER A 187 -12.18 29.78 -25.48
CA SER A 187 -13.59 30.11 -25.29
C SER A 187 -13.83 31.02 -24.06
N PHE A 188 -12.99 30.92 -23.03
CA PHE A 188 -13.17 31.79 -21.88
C PHE A 188 -12.68 33.20 -22.21
N MET A 189 -11.70 33.31 -23.11
CA MET A 189 -11.25 34.63 -23.58
C MET A 189 -12.37 35.36 -24.34
N ARG A 190 -13.22 34.61 -25.03
CA ARG A 190 -14.26 35.19 -25.86
C ARG A 190 -15.56 35.37 -25.11
N GLY A 191 -15.98 34.32 -24.40
CA GLY A 191 -17.29 34.29 -23.82
C GLY A 191 -17.44 34.54 -22.33
N MET A 192 -16.42 35.11 -21.67
CA MET A 192 -16.58 35.45 -20.26
C MET A 192 -16.71 36.95 -20.03
N GLU A 193 -17.86 37.35 -19.50
CA GLU A 193 -18.19 38.76 -19.24
C GLU A 193 -18.82 38.82 -17.85
N PRO A 194 -18.63 39.94 -17.14
CA PRO A 194 -19.26 40.20 -15.84
C PRO A 194 -20.80 40.17 -15.84
N ALA A 195 -21.39 39.97 -14.66
CA ALA A 195 -22.84 39.89 -14.47
C ALA A 195 -23.47 38.77 -15.28
N MET B 21 -4.76 46.39 0.42
CA MET B 21 -6.15 46.81 0.59
C MET B 21 -7.02 45.79 1.33
N PRO B 22 -6.93 44.49 0.99
CA PRO B 22 -7.83 43.60 1.74
C PRO B 22 -7.39 43.31 3.18
N ILE B 23 -7.27 44.38 3.98
CA ILE B 23 -7.29 44.25 5.43
C ILE B 23 -8.66 44.71 5.93
N TYR B 24 -9.43 43.83 6.55
CA TYR B 24 -10.82 44.17 6.86
C TYR B 24 -11.09 44.22 8.34
N ALA B 25 -12.01 45.09 8.72
CA ALA B 25 -12.50 45.13 10.09
C ALA B 25 -13.85 44.46 10.11
N TYR B 26 -14.13 43.75 11.19
CA TYR B 26 -15.43 43.12 11.36
C TYR B 26 -15.88 43.26 12.83
N ASN B 27 -17.09 43.77 13.06
CA ASN B 27 -17.67 43.93 14.41
C ASN B 27 -16.77 44.64 15.43
N GLY B 28 -16.12 45.70 15.00
CA GLY B 28 -15.29 46.52 15.86
C GLY B 28 -13.82 46.18 15.93
N HIS B 29 -13.45 44.96 15.60
CA HIS B 29 -12.05 44.58 15.65
C HIS B 29 -11.41 44.64 14.30
N LYS B 30 -10.17 45.11 14.29
CA LYS B 30 -9.37 45.17 13.08
C LYS B 30 -7.99 44.55 13.36
N PRO B 31 -7.33 44.03 12.32
CA PRO B 31 -5.96 43.53 12.47
C PRO B 31 -5.01 44.56 13.09
N GLN B 32 -4.27 44.10 14.09
CA GLN B 32 -3.37 44.94 14.88
C GLN B 32 -1.95 44.54 14.56
N PHE B 33 -1.12 45.51 14.27
CA PHE B 33 0.27 45.26 13.98
C PHE B 33 1.21 45.83 15.07
N ALA B 34 2.13 45.01 15.55
CA ALA B 34 3.17 45.46 16.46
C ALA B 34 4.07 46.50 15.78
N ASP B 35 4.40 46.20 14.52
CA ASP B 35 5.17 47.06 13.64
C ASP B 35 4.74 46.82 12.20
N ARG B 36 3.70 47.49 11.75
CA ARG B 36 3.17 47.23 10.41
C ARG B 36 4.23 47.38 9.31
N GLU B 37 4.82 48.56 9.18
CA GLU B 37 5.84 48.80 8.14
C GLU B 37 6.89 47.70 7.89
N SER B 38 6.93 46.68 8.75
CA SER B 38 7.87 45.57 8.57
C SER B 38 7.23 44.32 7.97
N ASN B 39 5.90 44.30 7.95
CA ASN B 39 5.15 43.15 7.47
C ASN B 39 4.91 43.15 5.94
N TRP B 40 5.38 42.09 5.31
CA TRP B 40 5.05 41.83 3.91
C TRP B 40 3.65 41.25 3.86
N ILE B 41 2.76 41.90 3.13
CA ILE B 41 1.41 41.40 2.91
C ILE B 41 1.11 41.48 1.43
N ALA B 42 1.04 40.32 0.76
CA ALA B 42 0.73 40.26 -0.65
C ALA B 42 -0.62 40.95 -0.91
N PRO B 43 -0.78 41.52 -2.11
CA PRO B 43 -2.00 42.31 -2.36
C PRO B 43 -3.35 41.59 -2.25
N ASP B 44 -3.42 40.29 -2.58
CA ASP B 44 -4.66 39.52 -2.45
C ASP B 44 -4.80 38.82 -1.09
N ALA B 45 -3.75 38.89 -0.28
CA ALA B 45 -3.78 38.24 1.03
C ALA B 45 -4.83 38.96 1.82
N THR B 46 -5.52 38.27 2.71
CA THR B 46 -6.71 38.84 3.32
C THR B 46 -6.72 38.66 4.83
N LEU B 47 -6.68 39.77 5.55
CA LEU B 47 -6.70 39.74 7.01
C LEU B 47 -7.99 40.38 7.50
N ILE B 48 -8.65 39.70 8.42
CA ILE B 48 -10.01 40.03 8.87
C ILE B 48 -10.23 39.93 10.39
N GLY B 49 -10.67 41.01 11.02
CA GLY B 49 -11.06 40.97 12.42
C GLY B 49 -9.94 40.88 13.45
N LYS B 50 -10.14 40.06 14.48
CA LYS B 50 -9.20 39.94 15.59
C LYS B 50 -7.91 39.21 15.17
N VAL B 51 -7.03 39.88 14.42
CA VAL B 51 -5.76 39.27 14.04
C VAL B 51 -4.60 40.08 14.62
N VAL B 52 -3.73 39.41 15.39
CA VAL B 52 -2.59 40.08 16.03
C VAL B 52 -1.31 39.68 15.35
N VAL B 53 -0.62 40.63 14.73
CA VAL B 53 0.51 40.28 13.88
C VAL B 53 1.87 40.77 14.39
N GLY B 54 2.78 39.81 14.64
CA GLY B 54 4.09 40.12 15.15
C GLY B 54 4.92 40.91 14.16
N GLU B 55 6.21 40.98 14.41
CA GLU B 55 7.05 41.81 13.57
C GLU B 55 7.75 40.92 12.55
N ASN B 56 8.01 41.45 11.36
CA ASN B 56 8.61 40.70 10.27
C ASN B 56 7.83 39.49 9.76
N ALA B 57 6.63 39.24 10.31
CA ALA B 57 5.78 38.17 9.79
C ALA B 57 5.40 38.49 8.35
N GLY B 58 5.35 37.46 7.51
CA GLY B 58 5.01 37.67 6.11
C GLY B 58 3.81 36.84 5.72
N PHE B 59 2.93 37.43 4.93
CA PHE B 59 1.69 36.80 4.49
C PHE B 59 1.62 36.79 2.97
N TRP B 60 1.68 35.60 2.37
CA TRP B 60 1.78 35.48 0.93
C TRP B 60 0.45 35.33 0.21
N PHE B 61 0.51 35.13 -1.10
CA PHE B 61 -0.66 35.24 -1.98
C PHE B 61 -1.83 34.32 -1.67
N GLY B 62 -3.00 34.94 -1.56
CA GLY B 62 -4.25 34.22 -1.40
C GLY B 62 -4.50 33.72 0.01
N ALA B 63 -3.59 34.02 0.94
CA ALA B 63 -3.81 33.58 2.31
C ALA B 63 -5.05 34.25 2.85
N VAL B 64 -5.69 33.63 3.83
CA VAL B 64 -6.86 34.21 4.47
C VAL B 64 -6.87 33.96 5.97
N LEU B 65 -6.81 35.00 6.78
CA LEU B 65 -6.92 34.78 8.21
C LEU B 65 -8.19 35.42 8.72
N ARG B 66 -9.19 34.59 9.00
CA ARG B 66 -10.49 35.09 9.43
C ARG B 66 -10.66 35.04 10.96
N GLY B 67 -10.39 36.17 11.62
CA GLY B 67 -10.52 36.24 13.07
C GLY B 67 -11.86 36.77 13.53
N ASP B 68 -12.90 35.99 13.29
CA ASP B 68 -14.27 36.43 13.58
C ASP B 68 -14.84 35.73 14.82
N ASN B 69 -14.22 34.64 15.25
CA ASN B 69 -14.57 34.00 16.52
C ASN B 69 -13.52 34.33 17.58
N GLU B 70 -12.62 33.39 17.83
CA GLU B 70 -11.46 33.60 18.70
C GLU B 70 -10.37 34.31 17.91
N PRO B 71 -9.42 34.95 18.60
CA PRO B 71 -8.40 35.72 17.86
C PRO B 71 -7.32 34.84 17.24
N ILE B 72 -6.68 35.36 16.21
CA ILE B 72 -5.61 34.66 15.54
C ILE B 72 -4.33 35.43 15.84
N THR B 73 -3.38 34.77 16.49
CA THR B 73 -2.22 35.51 16.95
C THR B 73 -0.99 34.95 16.28
N ILE B 74 -0.35 35.77 15.46
CA ILE B 74 0.78 35.35 14.67
C ILE B 74 2.10 35.88 15.22
N GLY B 75 2.92 34.99 15.76
CA GLY B 75 4.23 35.34 16.28
C GLY B 75 5.18 36.00 15.30
N ALA B 76 6.25 36.58 15.81
CA ALA B 76 7.13 37.35 14.95
C ALA B 76 7.94 36.44 14.03
N ASP B 77 8.43 36.98 12.92
CA ASP B 77 9.25 36.24 11.97
C ASP B 77 8.57 35.00 11.34
N THR B 78 7.25 34.92 11.42
CA THR B 78 6.54 33.74 10.95
C THR B 78 6.06 33.96 9.50
N ASN B 79 6.35 33.03 8.59
CA ASN B 79 5.87 33.22 7.23
C ASN B 79 4.65 32.35 6.98
N VAL B 80 3.62 32.98 6.43
CA VAL B 80 2.38 32.32 6.07
C VAL B 80 2.25 32.24 4.57
N GLN B 81 2.58 31.08 4.00
CA GLN B 81 2.72 30.95 2.56
C GLN B 81 1.36 30.85 1.85
N GLU B 82 1.39 30.78 0.53
CA GLU B 82 0.22 30.85 -0.32
C GLU B 82 -1.03 30.13 0.15
N GLN B 83 -2.15 30.86 0.11
CA GLN B 83 -3.51 30.34 0.24
C GLN B 83 -3.75 29.55 1.51
N THR B 84 -2.93 29.85 2.52
CA THR B 84 -3.12 29.32 3.86
C THR B 84 -4.41 29.85 4.39
N ILE B 85 -5.19 28.96 4.99
CA ILE B 85 -6.42 29.33 5.67
C ILE B 85 -6.28 29.19 7.18
N MET B 86 -6.65 30.24 7.92
CA MET B 86 -6.71 30.18 9.35
C MET B 86 -8.06 30.62 9.83
N HIS B 87 -8.61 29.90 10.81
CA HIS B 87 -9.93 30.20 11.34
C HIS B 87 -10.04 29.67 12.78
N THR B 88 -11.16 29.93 13.46
CA THR B 88 -11.36 29.45 14.84
C THR B 88 -12.81 29.10 15.11
N ASP B 89 -13.02 28.22 16.08
CA ASP B 89 -14.32 28.00 16.70
C ASP B 89 -14.22 28.50 18.12
N ILE B 90 -15.34 28.92 18.69
CA ILE B 90 -15.29 29.49 20.02
C ILE B 90 -14.75 28.48 21.04
N GLY B 91 -13.77 28.92 21.80
CA GLY B 91 -13.05 28.06 22.73
C GLY B 91 -11.67 27.67 22.24
N PHE B 92 -11.38 27.98 20.98
CA PHE B 92 -10.11 27.56 20.44
C PHE B 92 -9.41 28.70 19.74
N PRO B 93 -8.76 29.58 20.51
CA PRO B 93 -7.95 30.63 19.87
C PRO B 93 -6.82 29.98 19.11
N LEU B 94 -6.30 30.68 18.11
CA LEU B 94 -5.26 30.12 17.25
C LEU B 94 -4.01 30.92 17.48
N THR B 95 -2.98 30.26 17.97
CA THR B 95 -1.75 30.96 18.31
C THR B 95 -0.60 30.27 17.65
N ILE B 96 0.23 31.06 16.99
CA ILE B 96 1.41 30.54 16.30
C ILE B 96 2.66 31.17 16.89
N GLY B 97 3.59 30.34 17.36
CA GLY B 97 4.84 30.85 17.89
C GLY B 97 5.66 31.61 16.87
N ALA B 98 6.82 32.09 17.28
CA ALA B 98 7.62 32.95 16.42
C ALA B 98 8.62 32.17 15.58
N GLY B 99 8.99 32.72 14.43
CA GLY B 99 9.90 32.08 13.49
C GLY B 99 9.42 30.73 12.98
N CYS B 100 8.13 30.64 12.64
CA CYS B 100 7.50 29.44 12.07
C CYS B 100 7.38 29.51 10.54
N THR B 101 7.32 28.34 9.91
CA THR B 101 7.10 28.28 8.47
C THR B 101 5.77 27.59 8.20
N ILE B 102 4.78 28.35 7.72
CA ILE B 102 3.47 27.78 7.37
C ILE B 102 3.41 27.52 5.87
N GLY B 103 3.57 26.25 5.50
CA GLY B 103 3.74 25.86 4.11
C GLY B 103 2.57 26.23 3.23
N HIS B 104 2.81 26.22 1.91
CA HIS B 104 1.79 26.53 0.91
C HIS B 104 0.49 25.81 1.21
N ARG B 105 -0.60 26.55 1.37
CA ARG B 105 -1.94 25.96 1.42
C ARG B 105 -2.16 25.07 2.64
N ALA B 106 -1.58 25.39 3.79
CA ALA B 106 -1.93 24.67 5.01
C ALA B 106 -3.27 25.18 5.49
N ILE B 107 -3.94 24.41 6.34
CA ILE B 107 -5.09 24.91 7.07
C ILE B 107 -4.84 24.84 8.57
N LEU B 108 -4.91 25.96 9.27
CA LEU B 108 -4.79 25.96 10.73
C LEU B 108 -6.11 26.38 11.37
N HIS B 109 -6.73 25.47 12.12
CA HIS B 109 -8.01 25.78 12.73
C HIS B 109 -7.91 25.62 14.25
N GLY B 110 -8.00 26.73 14.99
CA GLY B 110 -8.10 26.74 16.45
C GLY B 110 -7.08 25.92 17.24
N CYS B 111 -5.80 26.09 16.93
CA CYS B 111 -4.76 25.24 17.47
C CYS B 111 -3.60 26.09 18.00
N THR B 112 -2.64 25.46 18.68
CA THR B 112 -1.48 26.17 19.21
C THR B 112 -0.21 25.50 18.69
N ILE B 113 0.74 26.31 18.23
CA ILE B 113 1.97 25.84 17.58
C ILE B 113 3.28 26.47 18.11
N GLY B 114 4.21 25.65 18.59
CA GLY B 114 5.46 26.18 19.10
C GLY B 114 6.39 26.93 18.14
N GLU B 115 7.29 27.72 18.71
CA GLU B 115 8.24 28.52 17.96
C GLU B 115 9.15 27.62 17.11
N ASN B 116 9.72 28.16 16.04
CA ASN B 116 10.60 27.43 15.13
C ASN B 116 10.01 26.11 14.65
N THR B 117 8.71 26.08 14.33
CA THR B 117 8.07 24.87 13.80
C THR B 117 7.69 25.05 12.32
N LEU B 118 7.87 24.00 11.53
CA LEU B 118 7.45 23.99 10.14
C LEU B 118 6.18 23.14 9.95
N ILE B 119 5.14 23.76 9.41
CA ILE B 119 3.91 23.09 8.98
C ILE B 119 3.95 22.90 7.46
N GLY B 120 4.15 21.67 7.03
CA GLY B 120 4.28 21.35 5.61
C GLY B 120 3.09 21.73 4.74
N MET B 121 3.36 21.95 3.47
CA MET B 121 2.35 22.33 2.49
C MET B 121 1.21 21.32 2.42
N GLY B 122 0.01 21.84 2.26
CA GLY B 122 -1.18 21.02 2.25
C GLY B 122 -1.60 20.35 3.55
N ALA B 123 -0.92 20.64 4.66
CA ALA B 123 -1.23 19.97 5.95
C ALA B 123 -2.40 20.60 6.66
N ILE B 124 -3.06 19.81 7.50
CA ILE B 124 -4.22 20.29 8.22
C ILE B 124 -4.06 20.08 9.71
N VAL B 125 -4.15 21.18 10.47
CA VAL B 125 -4.14 21.12 11.94
C VAL B 125 -5.49 21.58 12.48
N LEU B 126 -6.13 20.70 13.23
CA LEU B 126 -7.50 20.88 13.68
C LEU B 126 -7.58 21.43 15.09
N ASN B 127 -8.80 21.74 15.53
CA ASN B 127 -9.06 22.34 16.83
C ASN B 127 -8.40 21.67 18.05
N GLY B 128 -7.78 22.47 18.90
CA GLY B 128 -7.30 21.97 20.18
C GLY B 128 -6.00 21.18 20.10
N ALA B 129 -5.51 21.00 18.89
CA ALA B 129 -4.26 20.29 18.69
C ALA B 129 -3.15 21.18 19.19
N LYS B 130 -2.11 20.57 19.75
CA LYS B 130 -1.00 21.33 20.31
C LYS B 130 0.33 20.79 19.79
N VAL B 131 0.98 21.60 18.97
CA VAL B 131 2.24 21.25 18.34
C VAL B 131 3.39 21.97 19.02
N GLY B 132 4.40 21.21 19.43
CA GLY B 132 5.51 21.76 20.17
C GLY B 132 6.36 22.64 19.31
N LYS B 133 7.47 23.07 19.88
CA LYS B 133 8.45 23.90 19.20
C LYS B 133 9.41 22.98 18.50
N ASN B 134 10.16 23.53 17.54
CA ASN B 134 11.15 22.77 16.77
C ASN B 134 10.60 21.52 16.10
N CYS B 135 9.40 21.60 15.56
CA CYS B 135 8.77 20.43 14.95
C CYS B 135 8.74 20.51 13.43
N LEU B 136 8.78 19.36 12.79
CA LEU B 136 8.55 19.30 11.35
C LEU B 136 7.31 18.46 11.10
N ILE B 137 6.24 19.11 10.66
CA ILE B 137 5.02 18.45 10.20
C ILE B 137 5.07 18.33 8.70
N GLY B 138 5.16 17.10 8.19
CA GLY B 138 5.35 16.89 6.76
C GLY B 138 4.14 17.29 5.93
N ALA B 139 4.37 17.52 4.63
CA ALA B 139 3.28 17.88 3.73
C ALA B 139 2.16 16.86 3.71
N GLY B 140 0.93 17.35 3.61
CA GLY B 140 -0.23 16.48 3.50
C GLY B 140 -0.65 15.79 4.79
N THR B 141 -0.01 16.14 5.89
CA THR B 141 -0.30 15.53 7.18
C THR B 141 -1.58 16.10 7.81
N LEU B 142 -2.34 15.24 8.48
CA LEU B 142 -3.52 15.68 9.22
C LEU B 142 -3.37 15.49 10.75
N VAL B 143 -3.25 16.60 11.48
CA VAL B 143 -3.13 16.55 12.95
C VAL B 143 -4.51 16.68 13.57
N LYS B 144 -5.08 15.57 14.04
CA LYS B 144 -6.47 15.59 14.46
C LYS B 144 -6.67 16.40 15.73
N GLU B 145 -7.94 16.67 16.03
CA GLU B 145 -8.34 17.50 17.16
C GLU B 145 -7.73 17.06 18.49
N GLY B 146 -7.15 18.01 19.20
CA GLY B 146 -6.61 17.81 20.53
C GLY B 146 -5.34 17.01 20.57
N MET B 147 -4.81 16.66 19.41
CA MET B 147 -3.58 15.89 19.40
C MET B 147 -2.44 16.72 19.92
N GLU B 148 -1.57 16.09 20.71
CA GLU B 148 -0.39 16.74 21.26
C GLU B 148 0.87 16.13 20.65
N ILE B 149 1.77 17.00 20.19
CA ILE B 149 3.00 16.60 19.51
C ILE B 149 4.18 17.13 20.30
N PRO B 150 5.00 16.23 20.87
CA PRO B 150 6.16 16.66 21.66
C PRO B 150 7.08 17.56 20.87
N ASP B 151 7.86 18.37 21.57
CA ASP B 151 8.84 19.25 20.94
C ASP B 151 9.86 18.43 20.16
N ASN B 152 10.47 19.07 19.17
CA ASN B 152 11.54 18.47 18.37
C ASN B 152 11.09 17.26 17.57
N SER B 153 9.78 17.10 17.37
CA SER B 153 9.24 15.92 16.69
C SER B 153 9.18 16.07 15.17
N LEU B 154 9.32 14.95 14.49
CA LEU B 154 9.01 14.85 13.07
C LEU B 154 7.66 14.12 12.91
N VAL B 155 6.69 14.77 12.27
CA VAL B 155 5.35 14.17 12.15
C VAL B 155 4.91 14.01 10.70
N VAL B 156 4.50 12.80 10.32
CA VAL B 156 4.01 12.59 8.94
C VAL B 156 2.80 11.65 8.90
N GLY B 157 2.04 11.74 7.81
CA GLY B 157 0.97 10.79 7.59
C GLY B 157 -0.43 11.33 7.80
N SER B 158 -1.41 10.51 7.44
CA SER B 158 -2.82 10.83 7.67
C SER B 158 -3.54 9.51 7.95
N PRO B 159 -3.77 9.20 9.24
CA PRO B 159 -3.55 10.00 10.46
C PRO B 159 -2.08 10.20 10.82
N ALA B 160 -1.80 11.30 11.49
CA ALA B 160 -0.44 11.70 11.85
C ALA B 160 0.22 10.74 12.83
N ARG B 161 1.52 10.53 12.62
CA ARG B 161 2.38 9.73 13.48
C ARG B 161 3.60 10.56 13.88
N VAL B 162 4.04 10.42 15.12
CA VAL B 162 5.30 11.03 15.51
C VAL B 162 6.37 10.04 15.06
N LEU B 163 7.21 10.44 14.10
CA LEU B 163 8.15 9.50 13.51
C LEU B 163 9.44 9.33 14.35
N ARG B 164 10.06 10.43 14.75
CA ARG B 164 11.30 10.44 15.54
C ARG B 164 11.61 11.85 16.00
N GLN B 165 12.69 12.04 16.74
CA GLN B 165 13.15 13.40 17.05
C GLN B 165 14.19 13.91 16.08
N LEU B 166 14.20 15.22 15.91
CA LEU B 166 15.14 15.85 15.01
C LEU B 166 16.49 16.09 15.66
N ASP B 167 17.56 15.89 14.87
CA ASP B 167 18.90 16.24 15.30
C ASP B 167 19.02 17.76 15.29
N ASP B 168 20.14 18.29 15.77
CA ASP B 168 20.34 19.74 15.87
C ASP B 168 20.44 20.39 14.49
N ALA B 169 20.81 19.61 13.49
CA ALA B 169 20.91 20.13 12.13
C ALA B 169 19.56 20.47 11.52
N ALA B 170 18.57 19.63 11.80
CA ALA B 170 17.21 19.85 11.32
C ALA B 170 16.61 21.09 11.95
N VAL B 171 16.72 21.15 13.27
CA VAL B 171 16.16 22.24 14.03
C VAL B 171 16.74 23.57 13.57
N GLU B 172 18.00 23.52 13.09
CA GLU B 172 18.62 24.73 12.59
C GLU B 172 18.15 25.04 11.18
N LYS B 173 17.91 24.02 10.36
CA LYS B 173 17.32 24.30 9.05
C LYS B 173 15.93 24.92 9.19
N LEU B 174 15.22 24.62 10.28
CA LEU B 174 13.98 25.33 10.55
C LEU B 174 14.24 26.81 10.77
N ARG B 175 15.22 27.14 11.64
CA ARG B 175 15.64 28.54 11.93
C ARG B 175 16.09 29.24 10.67
N ALA B 176 16.80 28.53 9.81
CA ALA B 176 17.21 29.13 8.55
C ALA B 176 15.99 29.52 7.74
N SER B 177 15.04 28.59 7.66
CA SER B 177 13.83 28.76 6.86
C SER B 177 13.09 30.06 7.18
N ALA B 178 12.79 30.31 8.46
CA ALA B 178 12.13 31.58 8.84
C ALA B 178 13.00 32.81 8.51
N LYS B 179 14.31 32.66 8.67
CA LYS B 179 15.26 33.73 8.43
C LYS B 179 15.30 34.06 6.94
N HIS B 180 15.31 33.02 6.10
CA HIS B 180 15.32 33.21 4.66
C HIS B 180 14.01 33.83 4.20
N TYR B 181 12.89 33.44 4.82
CA TYR B 181 11.60 33.98 4.38
C TYR B 181 11.40 35.44 4.71
N VAL B 182 11.88 35.88 5.88
CA VAL B 182 11.87 37.29 6.21
C VAL B 182 12.63 38.11 5.13
N GLU B 183 13.82 37.65 4.75
CA GLU B 183 14.56 38.31 3.69
C GLU B 183 13.79 38.37 2.37
N ARG B 184 13.21 37.25 1.96
CA ARG B 184 12.43 37.18 0.72
C ARG B 184 11.16 38.06 0.80
N GLY B 185 10.56 38.11 1.98
CA GLY B 185 9.42 38.98 2.20
C GLY B 185 9.71 40.44 1.96
N HIS B 186 10.76 40.94 2.60
CA HIS B 186 11.18 42.33 2.43
C HIS B 186 11.52 42.62 0.97
N SER B 187 12.23 41.70 0.34
CA SER B 187 12.60 41.84 -1.07
C SER B 187 11.38 42.03 -1.99
N PHE B 188 10.25 41.45 -1.60
CA PHE B 188 9.02 41.51 -2.38
C PHE B 188 8.30 42.85 -2.27
N MET B 189 8.48 43.51 -1.13
CA MET B 189 7.92 44.86 -1.01
C MET B 189 8.62 45.79 -2.02
N ARG B 190 9.87 45.49 -2.34
CA ARG B 190 10.69 46.37 -3.16
C ARG B 190 10.81 45.94 -4.61
N GLY B 191 11.12 44.66 -4.84
CA GLY B 191 11.48 44.21 -6.16
C GLY B 191 10.35 43.52 -6.88
N MET B 192 9.13 43.66 -6.37
CA MET B 192 7.95 43.18 -7.08
C MET B 192 7.20 44.36 -7.69
N GLU B 193 7.19 44.37 -9.02
CA GLU B 193 6.52 45.37 -9.85
C GLU B 193 5.87 44.62 -11.01
N PRO B 194 4.77 45.17 -11.56
CA PRO B 194 4.06 44.64 -12.74
C PRO B 194 4.90 44.58 -14.01
N ALA B 195 4.57 43.67 -14.94
CA ALA B 195 5.37 43.48 -16.15
C ALA B 195 4.98 44.47 -17.26
N MET C 21 -17.53 42.73 -7.80
CA MET C 21 -17.67 41.33 -7.46
C MET C 21 -17.51 40.49 -8.72
N PRO C 22 -16.72 39.40 -8.64
CA PRO C 22 -16.48 38.48 -9.74
C PRO C 22 -17.64 37.50 -9.93
N ILE C 23 -18.81 38.03 -10.28
CA ILE C 23 -19.88 37.19 -10.79
C ILE C 23 -19.79 37.23 -12.32
N TYR C 24 -19.48 36.10 -12.95
CA TYR C 24 -19.23 36.09 -14.40
C TYR C 24 -20.27 35.31 -15.20
N ALA C 25 -20.53 35.79 -16.41
CA ALA C 25 -21.33 35.06 -17.38
C ALA C 25 -20.42 34.35 -18.36
N TYR C 26 -20.82 33.14 -18.75
CA TYR C 26 -20.06 32.35 -19.72
C TYR C 26 -20.99 31.60 -20.68
N ASN C 27 -20.77 31.73 -21.99
CA ASN C 27 -21.59 31.03 -22.99
C ASN C 27 -23.07 31.36 -22.81
N GLY C 28 -23.38 32.61 -22.53
CA GLY C 28 -24.76 33.03 -22.38
C GLY C 28 -25.39 32.73 -21.03
N HIS C 29 -24.82 31.82 -20.25
CA HIS C 29 -25.40 31.47 -18.96
C HIS C 29 -24.73 32.26 -17.82
N LYS C 30 -25.53 32.74 -16.87
CA LYS C 30 -25.00 33.47 -15.72
C LYS C 30 -25.65 32.93 -14.42
N PRO C 31 -24.98 33.11 -13.26
CA PRO C 31 -25.54 32.67 -11.99
C PRO C 31 -26.93 33.22 -11.70
N GLN C 32 -27.88 32.34 -11.36
CA GLN C 32 -29.24 32.76 -11.04
C GLN C 32 -29.49 32.62 -9.55
N PHE C 33 -29.90 33.72 -8.92
CA PHE C 33 -30.13 33.72 -7.48
C PHE C 33 -31.61 33.71 -7.14
N ALA C 34 -32.04 32.75 -6.35
CA ALA C 34 -33.40 32.74 -5.86
C ALA C 34 -33.67 34.03 -5.10
N ASP C 35 -32.69 34.50 -4.31
CA ASP C 35 -32.85 35.76 -3.60
C ASP C 35 -31.46 36.39 -3.36
N ARG C 36 -30.98 37.11 -4.37
CA ARG C 36 -29.62 37.66 -4.37
C ARG C 36 -29.29 38.55 -3.18
N GLU C 37 -30.28 39.31 -2.71
CA GLU C 37 -30.06 40.25 -1.60
C GLU C 37 -29.90 39.53 -0.27
N SER C 38 -30.13 38.23 -0.27
CA SER C 38 -29.99 37.40 0.93
C SER C 38 -28.68 36.62 0.96
N ASN C 39 -27.96 36.62 -0.17
CA ASN C 39 -26.70 35.91 -0.31
C ASN C 39 -25.45 36.69 0.12
N TRP C 40 -24.69 36.12 1.03
CA TRP C 40 -23.39 36.68 1.37
C TRP C 40 -22.41 36.26 0.30
N ILE C 41 -21.73 37.22 -0.32
CA ILE C 41 -20.70 36.87 -1.31
C ILE C 41 -19.44 37.71 -1.12
N ALA C 42 -18.36 37.11 -0.62
CA ALA C 42 -17.11 37.85 -0.44
C ALA C 42 -16.60 38.37 -1.78
N PRO C 43 -15.87 39.49 -1.76
CA PRO C 43 -15.32 40.13 -2.97
C PRO C 43 -14.37 39.21 -3.72
N ASP C 44 -13.83 38.25 -3.00
CA ASP C 44 -12.87 37.29 -3.52
C ASP C 44 -13.57 36.12 -4.25
N ALA C 45 -14.85 35.92 -3.93
CA ALA C 45 -15.66 34.80 -4.46
C ALA C 45 -15.97 34.95 -5.93
N THR C 46 -16.08 33.82 -6.62
CA THR C 46 -16.25 33.84 -8.04
C THR C 46 -17.31 32.85 -8.45
N LEU C 47 -18.44 33.33 -8.99
CA LEU C 47 -19.45 32.41 -9.51
C LEU C 47 -19.57 32.63 -11.01
N ILE C 48 -19.50 31.54 -11.76
CA ILE C 48 -19.38 31.56 -13.21
C ILE C 48 -20.34 30.64 -13.94
N GLY C 49 -21.12 31.20 -14.87
CA GLY C 49 -21.95 30.36 -15.74
C GLY C 49 -23.17 29.73 -15.08
N LYS C 50 -23.37 28.44 -15.33
CA LYS C 50 -24.55 27.72 -14.85
C LYS C 50 -24.51 27.42 -13.35
N VAL C 51 -24.71 28.43 -12.53
CA VAL C 51 -24.75 28.22 -11.09
C VAL C 51 -26.12 28.61 -10.62
N VAL C 52 -26.77 27.72 -9.89
CA VAL C 52 -28.07 28.01 -9.30
C VAL C 52 -27.93 28.18 -7.79
N VAL C 53 -28.26 29.37 -7.28
CA VAL C 53 -28.01 29.75 -5.90
C VAL C 53 -29.27 29.92 -5.06
N GLY C 54 -29.44 29.11 -4.03
CA GLY C 54 -30.60 29.19 -3.13
C GLY C 54 -30.68 30.38 -2.20
N GLU C 55 -31.53 30.31 -1.20
CA GLU C 55 -31.70 31.44 -0.30
C GLU C 55 -30.73 31.32 0.85
N ASN C 56 -30.25 32.47 1.29
CA ASN C 56 -29.30 32.61 2.41
C ASN C 56 -27.95 31.93 2.23
N ALA C 57 -27.67 31.36 1.06
CA ALA C 57 -26.37 30.76 0.80
C ALA C 57 -25.28 31.83 0.84
N GLY C 58 -24.11 31.46 1.39
CA GLY C 58 -22.98 32.37 1.52
C GLY C 58 -21.75 31.78 0.89
N PHE C 59 -20.97 32.62 0.24
CA PHE C 59 -19.80 32.14 -0.47
C PHE C 59 -18.62 32.94 0.00
N TRP C 60 -17.71 32.28 0.69
CA TRP C 60 -16.68 33.01 1.38
C TRP C 60 -15.45 33.24 0.52
N PHE C 61 -14.42 33.81 1.14
CA PHE C 61 -13.28 34.31 0.41
C PHE C 61 -12.59 33.25 -0.46
N GLY C 62 -12.34 33.60 -1.73
CA GLY C 62 -11.53 32.77 -2.62
C GLY C 62 -12.25 31.59 -3.23
N ALA C 63 -13.51 31.39 -2.91
CA ALA C 63 -14.26 30.28 -3.49
C ALA C 63 -14.38 30.43 -5.02
N VAL C 64 -14.54 29.31 -5.73
CA VAL C 64 -14.67 29.29 -7.18
C VAL C 64 -15.72 28.29 -7.64
N LEU C 65 -16.80 28.78 -8.24
CA LEU C 65 -17.79 27.84 -8.76
C LEU C 65 -17.83 28.00 -10.25
N ARG C 66 -17.27 27.04 -10.98
CA ARG C 66 -17.17 27.09 -12.42
C ARG C 66 -18.28 26.23 -13.04
N GLY C 67 -19.37 26.90 -13.40
CA GLY C 67 -20.53 26.22 -13.95
C GLY C 67 -20.52 26.24 -15.46
N ASP C 68 -19.53 25.55 -16.04
CA ASP C 68 -19.31 25.61 -17.49
C ASP C 68 -19.58 24.30 -18.22
N ASN C 69 -19.64 23.18 -17.51
CA ASN C 69 -20.08 21.94 -18.13
C ASN C 69 -21.49 21.65 -17.65
N GLU C 70 -21.64 20.69 -16.74
CA GLU C 70 -22.94 20.48 -16.12
C GLU C 70 -23.14 21.61 -15.11
N PRO C 71 -24.40 21.90 -14.75
CA PRO C 71 -24.66 23.03 -13.85
C PRO C 71 -24.41 22.69 -12.40
N ILE C 72 -24.08 23.72 -11.61
CA ILE C 72 -23.80 23.59 -10.18
C ILE C 72 -24.93 24.17 -9.37
N THR C 73 -25.56 23.35 -8.55
CA THR C 73 -26.78 23.75 -7.84
C THR C 73 -26.62 23.85 -6.31
N ILE C 74 -26.71 25.07 -5.77
CA ILE C 74 -26.47 25.25 -4.35
C ILE C 74 -27.76 25.47 -3.56
N GLY C 75 -28.16 24.46 -2.79
CA GLY C 75 -29.35 24.53 -1.97
C GLY C 75 -29.35 25.70 -1.02
N ALA C 76 -30.52 25.99 -0.44
CA ALA C 76 -30.67 27.11 0.47
C ALA C 76 -30.01 26.82 1.83
N ASP C 77 -29.68 27.90 2.54
CA ASP C 77 -29.05 27.83 3.87
C ASP C 77 -27.68 27.13 3.82
N THR C 78 -27.08 27.06 2.63
CA THR C 78 -25.82 26.36 2.45
C THR C 78 -24.61 27.30 2.46
N ASN C 79 -23.61 26.98 3.27
CA ASN C 79 -22.39 27.80 3.35
C ASN C 79 -21.26 27.13 2.59
N VAL C 80 -20.56 27.93 1.79
CA VAL C 80 -19.45 27.46 0.99
C VAL C 80 -18.22 28.18 1.47
N GLN C 81 -17.40 27.52 2.27
CA GLN C 81 -16.35 28.23 2.98
C GLN C 81 -15.11 28.54 2.12
N GLU C 82 -14.14 29.20 2.73
CA GLU C 82 -12.96 29.72 2.03
C GLU C 82 -12.36 28.77 1.00
N GLN C 83 -12.24 29.26 -0.22
CA GLN C 83 -11.52 28.61 -1.31
C GLN C 83 -12.01 27.20 -1.68
N THR C 84 -13.29 26.95 -1.44
CA THR C 84 -13.91 25.75 -1.97
C THR C 84 -13.89 25.80 -3.51
N ILE C 85 -13.58 24.67 -4.14
CA ILE C 85 -13.67 24.55 -5.60
C ILE C 85 -14.83 23.65 -5.98
N MET C 86 -15.72 24.12 -6.85
CA MET C 86 -16.75 23.24 -7.39
C MET C 86 -16.67 23.27 -8.91
N HIS C 87 -16.78 22.09 -9.51
CA HIS C 87 -16.66 21.95 -10.96
C HIS C 87 -17.35 20.63 -11.39
N THR C 88 -17.48 20.40 -12.70
CA THR C 88 -18.15 19.21 -13.22
C THR C 88 -17.51 18.68 -14.47
N ASP C 89 -17.85 17.43 -14.78
CA ASP C 89 -17.61 16.84 -16.08
C ASP C 89 -18.98 16.59 -16.73
N ILE C 90 -19.03 16.63 -18.05
CA ILE C 90 -20.28 16.39 -18.76
C ILE C 90 -20.78 14.99 -18.42
N GLY C 91 -22.05 14.90 -18.01
CA GLY C 91 -22.63 13.66 -17.51
C GLY C 91 -22.77 13.65 -15.99
N PHE C 92 -22.19 14.64 -15.33
CA PHE C 92 -22.15 14.72 -13.86
C PHE C 92 -22.52 16.08 -13.30
N PRO C 93 -23.82 16.38 -13.19
CA PRO C 93 -24.19 17.65 -12.53
C PRO C 93 -23.82 17.63 -11.07
N LEU C 94 -23.61 18.80 -10.48
CA LEU C 94 -23.23 18.86 -9.09
C LEU C 94 -24.34 19.52 -8.31
N THR C 95 -24.89 18.80 -7.34
CA THR C 95 -26.05 19.25 -6.58
C THR C 95 -25.83 19.15 -5.08
N ILE C 96 -26.09 20.25 -4.37
CA ILE C 96 -25.93 20.25 -2.93
C ILE C 96 -27.26 20.54 -2.24
N GLY C 97 -27.73 19.61 -1.41
CA GLY C 97 -28.96 19.79 -0.67
C GLY C 97 -28.93 21.02 0.23
N ALA C 98 -30.03 21.26 0.94
CA ALA C 98 -30.13 22.53 1.65
C ALA C 98 -29.48 22.47 3.03
N GLY C 99 -29.05 23.63 3.52
CA GLY C 99 -28.41 23.74 4.82
C GLY C 99 -27.20 22.86 5.02
N CYS C 100 -26.32 22.81 4.02
CA CYS C 100 -25.08 22.05 4.08
C CYS C 100 -23.91 22.93 4.50
N THR C 101 -22.90 22.31 5.06
CA THR C 101 -21.68 23.02 5.43
C THR C 101 -20.53 22.42 4.65
N ILE C 102 -19.94 23.23 3.79
CA ILE C 102 -18.77 22.85 2.99
C ILE C 102 -17.52 23.47 3.60
N GLY C 103 -16.69 22.66 4.27
CA GLY C 103 -15.56 23.19 5.02
C GLY C 103 -14.51 23.93 4.21
N HIS C 104 -13.68 24.72 4.91
CA HIS C 104 -12.60 25.48 4.30
C HIS C 104 -11.90 24.57 3.29
N ARG C 105 -11.80 25.05 2.04
CA ARG C 105 -10.95 24.43 1.01
C ARG C 105 -11.38 23.01 0.61
N ALA C 106 -12.67 22.73 0.61
CA ALA C 106 -13.14 21.43 0.09
C ALA C 106 -13.11 21.47 -1.43
N ILE C 107 -13.07 20.31 -2.05
CA ILE C 107 -13.27 20.22 -3.48
C ILE C 107 -14.44 19.33 -3.78
N LEU C 108 -15.41 19.85 -4.52
CA LEU C 108 -16.54 19.05 -4.96
C LEU C 108 -16.57 18.98 -6.48
N HIS C 109 -16.50 17.77 -7.03
CA HIS C 109 -16.53 17.60 -8.48
C HIS C 109 -17.65 16.63 -8.88
N GLY C 110 -18.64 17.13 -9.60
CA GLY C 110 -19.64 16.29 -10.24
C GLY C 110 -20.27 15.22 -9.36
N CYS C 111 -20.74 15.65 -8.19
CA CYS C 111 -21.28 14.74 -7.18
C CYS C 111 -22.62 15.31 -6.71
N THR C 112 -23.36 14.55 -5.91
CA THR C 112 -24.60 15.10 -5.36
C THR C 112 -24.58 14.89 -3.82
N ILE C 113 -24.95 15.93 -3.08
CA ILE C 113 -24.82 15.93 -1.61
C ILE C 113 -26.19 16.13 -0.98
N GLY C 114 -26.59 15.18 -0.14
CA GLY C 114 -27.87 15.27 0.53
C GLY C 114 -27.97 16.48 1.43
N GLU C 115 -29.20 16.83 1.79
CA GLU C 115 -29.46 17.96 2.67
C GLU C 115 -28.85 17.75 4.07
N ASN C 116 -28.55 18.86 4.74
CA ASN C 116 -27.97 18.82 6.08
C ASN C 116 -26.71 17.96 6.24
N THR C 117 -25.78 18.06 5.29
CA THR C 117 -24.54 17.30 5.35
C THR C 117 -23.37 18.27 5.51
N LEU C 118 -22.35 17.87 6.27
CA LEU C 118 -21.09 18.60 6.41
C LEU C 118 -19.97 17.92 5.64
N ILE C 119 -19.28 18.68 4.78
CA ILE C 119 -18.05 18.24 4.11
C ILE C 119 -16.83 18.92 4.77
N GLY C 120 -16.08 18.13 5.55
CA GLY C 120 -14.96 18.66 6.34
C GLY C 120 -13.91 19.40 5.54
N MET C 121 -13.19 20.30 6.21
CA MET C 121 -12.21 21.12 5.52
C MET C 121 -11.18 20.27 4.79
N GLY C 122 -10.78 20.75 3.61
CA GLY C 122 -9.83 20.06 2.76
C GLY C 122 -10.32 18.76 2.15
N ALA C 123 -11.61 18.41 2.32
CA ALA C 123 -12.11 17.13 1.78
C ALA C 123 -12.39 17.18 0.29
N ILE C 124 -12.31 16.02 -0.35
CA ILE C 124 -12.48 15.91 -1.78
C ILE C 124 -13.56 14.89 -2.13
N VAL C 125 -14.60 15.33 -2.84
CA VAL C 125 -15.63 14.41 -3.28
C VAL C 125 -15.69 14.38 -4.81
N LEU C 126 -15.49 13.19 -5.40
CA LEU C 126 -15.31 13.09 -6.85
C LEU C 126 -16.58 12.72 -7.63
N ASN C 127 -16.47 12.73 -8.97
CA ASN C 127 -17.57 12.48 -9.90
C ASN C 127 -18.41 11.27 -9.57
N GLY C 128 -19.72 11.44 -9.60
CA GLY C 128 -20.64 10.33 -9.44
C GLY C 128 -20.86 9.91 -8.01
N ALA C 129 -20.18 10.57 -7.08
CA ALA C 129 -20.34 10.22 -5.68
C ALA C 129 -21.67 10.71 -5.18
N LYS C 130 -22.25 9.95 -4.27
CA LYS C 130 -23.56 10.24 -3.71
C LYS C 130 -23.50 10.15 -2.21
N VAL C 131 -23.61 11.31 -1.58
CA VAL C 131 -23.56 11.42 -0.14
C VAL C 131 -24.97 11.62 0.36
N GLY C 132 -25.38 10.84 1.35
CA GLY C 132 -26.73 10.93 1.89
C GLY C 132 -26.99 12.23 2.64
N LYS C 133 -28.16 12.33 3.26
CA LYS C 133 -28.48 13.51 4.06
C LYS C 133 -27.94 13.29 5.46
N ASN C 134 -27.80 14.36 6.24
CA ASN C 134 -27.33 14.25 7.62
C ASN C 134 -26.03 13.48 7.73
N CYS C 135 -25.09 13.73 6.81
CA CYS C 135 -23.82 13.05 6.89
C CYS C 135 -22.70 13.99 7.32
N LEU C 136 -21.68 13.43 7.97
CA LEU C 136 -20.47 14.15 8.29
C LEU C 136 -19.30 13.48 7.55
N ILE C 137 -18.71 14.17 6.57
CA ILE C 137 -17.49 13.67 5.93
C ILE C 137 -16.30 14.34 6.61
N GLY C 138 -15.48 13.56 7.31
CA GLY C 138 -14.42 14.14 8.14
C GLY C 138 -13.39 14.88 7.32
N ALA C 139 -12.67 15.80 7.96
CA ALA C 139 -11.64 16.58 7.27
C ALA C 139 -10.63 15.69 6.55
N GLY C 140 -10.21 16.13 5.36
CA GLY C 140 -9.19 15.44 4.59
C GLY C 140 -9.61 14.13 3.95
N THR C 141 -10.88 13.79 4.03
CA THR C 141 -11.36 12.52 3.49
C THR C 141 -11.47 12.62 1.99
N LEU C 142 -11.18 11.53 1.29
CA LEU C 142 -11.35 11.45 -0.14
C LEU C 142 -12.45 10.46 -0.49
N VAL C 143 -13.58 10.98 -0.97
CA VAL C 143 -14.69 10.15 -1.39
C VAL C 143 -14.56 9.82 -2.89
N LYS C 144 -14.14 8.60 -3.20
CA LYS C 144 -13.79 8.26 -4.60
C LYS C 144 -15.00 8.21 -5.54
N GLU C 145 -14.71 8.21 -6.85
CA GLU C 145 -15.69 8.29 -7.91
C GLU C 145 -16.77 7.20 -7.77
N GLY C 146 -18.03 7.63 -7.80
CA GLY C 146 -19.14 6.72 -7.63
C GLY C 146 -19.34 6.13 -6.24
N MET C 147 -18.59 6.57 -5.23
CA MET C 147 -18.79 5.99 -3.92
C MET C 147 -20.16 6.44 -3.41
N GLU C 148 -20.93 5.53 -2.81
CA GLU C 148 -22.24 5.90 -2.27
C GLU C 148 -22.25 5.77 -0.76
N ILE C 149 -22.79 6.80 -0.12
CA ILE C 149 -22.78 6.90 1.33
C ILE C 149 -24.18 7.08 1.93
N PRO C 150 -24.62 6.11 2.76
CA PRO C 150 -25.95 6.09 3.36
C PRO C 150 -26.22 7.34 4.18
N ASP C 151 -27.50 7.65 4.36
CA ASP C 151 -27.89 8.77 5.22
C ASP C 151 -27.31 8.53 6.62
N ASN C 152 -27.07 9.63 7.34
CA ASN C 152 -26.61 9.57 8.73
C ASN C 152 -25.24 8.94 9.00
N SER C 153 -24.36 8.93 8.00
CA SER C 153 -23.05 8.33 8.15
C SER C 153 -22.01 9.32 8.62
N LEU C 154 -21.06 8.84 9.42
CA LEU C 154 -19.84 9.57 9.71
C LEU C 154 -18.75 8.88 8.88
N VAL C 155 -18.07 9.63 8.01
CA VAL C 155 -17.12 9.07 7.07
C VAL C 155 -15.76 9.69 7.27
N VAL C 156 -14.76 8.83 7.46
CA VAL C 156 -13.37 9.29 7.57
C VAL C 156 -12.41 8.34 6.84
N GLY C 157 -11.22 8.84 6.55
CA GLY C 157 -10.13 8.03 5.99
C GLY C 157 -9.73 8.28 4.54
N SER C 158 -8.63 7.65 4.15
CA SER C 158 -8.20 7.64 2.77
C SER C 158 -7.52 6.30 2.54
N PRO C 159 -8.24 5.34 1.95
CA PRO C 159 -9.58 5.50 1.36
C PRO C 159 -10.71 5.74 2.40
N ALA C 160 -11.76 6.43 1.96
CA ALA C 160 -12.87 6.76 2.83
C ALA C 160 -13.65 5.51 3.28
N ARG C 161 -14.00 5.44 4.57
CA ARG C 161 -14.82 4.34 5.07
C ARG C 161 -15.91 4.82 6.02
N VAL C 162 -17.05 4.14 6.04
CA VAL C 162 -18.10 4.47 7.01
C VAL C 162 -17.76 3.94 8.39
N LEU C 163 -17.61 4.85 9.34
CA LEU C 163 -17.19 4.50 10.71
C LEU C 163 -18.36 3.97 11.55
N ARG C 164 -19.48 4.70 11.53
CA ARG C 164 -20.64 4.36 12.32
C ARG C 164 -21.75 5.26 11.83
N GLN C 165 -22.95 5.11 12.36
CA GLN C 165 -24.04 6.01 12.00
C GLN C 165 -24.06 7.11 13.06
N LEU C 166 -24.50 8.32 12.70
CA LEU C 166 -24.58 9.44 13.66
C LEU C 166 -25.85 9.44 14.52
N ASP C 167 -25.70 9.73 15.82
CA ASP C 167 -26.89 9.84 16.67
C ASP C 167 -27.70 11.10 16.33
N ASP C 168 -28.90 11.19 16.89
CA ASP C 168 -29.82 12.26 16.53
C ASP C 168 -29.29 13.62 16.98
N ALA C 169 -28.43 13.61 18.00
CA ALA C 169 -27.80 14.82 18.54
C ALA C 169 -26.72 15.35 17.61
N ALA C 170 -25.96 14.45 17.00
CA ALA C 170 -24.94 14.85 16.06
C ALA C 170 -25.63 15.53 14.89
N VAL C 171 -26.68 14.90 14.42
CA VAL C 171 -27.45 15.42 13.31
C VAL C 171 -27.99 16.81 13.61
N GLU C 172 -28.15 17.15 14.88
CA GLU C 172 -28.57 18.50 15.25
C GLU C 172 -27.47 19.53 15.16
N LYS C 173 -26.25 19.13 15.52
CA LYS C 173 -25.11 20.04 15.39
C LYS C 173 -24.93 20.44 13.92
N LEU C 174 -25.26 19.53 12.99
CA LEU C 174 -25.25 19.86 11.56
C LEU C 174 -26.23 21.01 11.25
N ARG C 175 -27.50 20.89 11.66
CA ARG C 175 -28.46 21.98 11.45
C ARG C 175 -28.01 23.26 12.15
N ALA C 176 -27.44 23.10 13.34
CA ALA C 176 -26.94 24.27 14.08
C ALA C 176 -25.87 24.98 13.25
N SER C 177 -24.95 24.19 12.66
CA SER C 177 -23.89 24.75 11.81
C SER C 177 -24.43 25.62 10.69
N ALA C 178 -25.41 25.10 9.95
CA ALA C 178 -25.99 25.83 8.82
C ALA C 178 -26.60 27.15 9.25
N LYS C 179 -27.27 27.13 10.41
CA LYS C 179 -27.94 28.31 10.91
C LYS C 179 -26.97 29.40 11.35
N HIS C 180 -25.91 29.03 12.05
CA HIS C 180 -24.96 30.04 12.52
C HIS C 180 -24.29 30.69 11.34
N TYR C 181 -24.03 29.88 10.31
CA TYR C 181 -23.36 30.37 9.11
C TYR C 181 -24.23 31.29 8.26
N VAL C 182 -25.52 30.99 8.17
CA VAL C 182 -26.42 31.95 7.51
C VAL C 182 -26.36 33.32 8.19
N GLU C 183 -26.50 33.34 9.52
CA GLU C 183 -26.40 34.55 10.31
C GLU C 183 -25.07 35.24 10.15
N ARG C 184 -23.98 34.47 10.21
CA ARG C 184 -22.64 35.03 10.05
C ARG C 184 -22.47 35.65 8.67
N GLY C 185 -23.07 35.03 7.66
CA GLY C 185 -23.09 35.62 6.34
C GLY C 185 -23.70 37.00 6.42
N HIS C 186 -24.91 37.10 6.98
CA HIS C 186 -25.61 38.37 7.09
C HIS C 186 -24.75 39.44 7.74
N SER C 187 -24.16 39.08 8.87
CA SER C 187 -23.32 40.00 9.63
C SER C 187 -22.12 40.54 8.83
N PHE C 188 -21.63 39.77 7.86
CA PHE C 188 -20.51 40.26 7.06
C PHE C 188 -20.93 41.26 5.99
N MET C 189 -22.16 41.11 5.49
CA MET C 189 -22.76 42.06 4.56
C MET C 189 -22.94 43.40 5.26
N ARG C 190 -23.24 43.34 6.55
CA ARG C 190 -23.55 44.53 7.32
C ARG C 190 -22.31 45.07 8.03
N GLY C 191 -21.59 44.19 8.71
CA GLY C 191 -20.54 44.60 9.62
C GLY C 191 -19.08 44.42 9.20
N MET C 192 -18.83 44.15 7.93
CA MET C 192 -17.45 44.10 7.44
C MET C 192 -17.13 45.34 6.66
N GLU C 193 -16.10 46.03 7.11
CA GLU C 193 -15.70 47.28 6.51
C GLU C 193 -14.19 47.22 6.31
N PRO C 194 -13.68 47.90 5.29
CA PRO C 194 -12.22 48.05 5.20
C PRO C 194 -11.71 48.75 6.47
N ALA C 195 -10.43 48.55 6.80
CA ALA C 195 -9.85 49.09 8.03
C ALA C 195 -8.51 49.76 7.76
N MET D 21 9.91 -37.14 19.77
CA MET D 21 8.91 -36.31 19.11
C MET D 21 9.21 -34.83 19.33
N PRO D 22 8.97 -33.99 18.30
CA PRO D 22 9.19 -32.55 18.43
C PRO D 22 8.05 -31.79 19.13
N ILE D 23 7.69 -32.20 20.35
CA ILE D 23 6.89 -31.34 21.20
C ILE D 23 7.85 -30.66 22.16
N TYR D 24 8.00 -29.35 21.99
CA TYR D 24 9.01 -28.55 22.68
C TYR D 24 8.38 -27.53 23.59
N ALA D 25 9.12 -27.20 24.65
CA ALA D 25 8.81 -26.06 25.50
C ALA D 25 9.78 -24.91 25.25
N TYR D 26 9.27 -23.69 25.36
CA TYR D 26 10.11 -22.50 25.25
C TYR D 26 9.70 -21.55 26.38
N ASN D 27 10.68 -21.11 27.17
CA ASN D 27 10.43 -20.20 28.32
C ASN D 27 9.42 -20.72 29.32
N GLY D 28 9.41 -22.03 29.55
CA GLY D 28 8.50 -22.61 30.52
C GLY D 28 7.14 -22.98 29.97
N HIS D 29 6.78 -22.40 28.84
CA HIS D 29 5.48 -22.71 28.29
C HIS D 29 5.58 -23.99 27.51
N LYS D 30 4.55 -24.80 27.67
CA LYS D 30 4.45 -26.09 27.05
C LYS D 30 3.13 -26.14 26.33
N PRO D 31 3.07 -26.88 25.23
CA PRO D 31 1.82 -27.07 24.50
C PRO D 31 0.73 -27.64 25.42
N GLN D 32 -0.50 -27.13 25.32
CA GLN D 32 -1.57 -27.64 26.17
C GLN D 32 -2.49 -28.55 25.38
N PHE D 33 -2.70 -29.79 25.85
CA PHE D 33 -3.64 -30.68 25.19
C PHE D 33 -4.88 -30.94 26.08
N ALA D 34 -6.04 -30.55 25.55
CA ALA D 34 -7.34 -30.78 26.19
C ALA D 34 -7.58 -32.28 26.44
N ASP D 35 -7.19 -33.06 25.45
CA ASP D 35 -7.21 -34.51 25.53
C ASP D 35 -6.12 -35.02 24.58
N ARG D 36 -4.91 -35.20 25.11
CA ARG D 36 -3.74 -35.59 24.30
C ARG D 36 -4.06 -36.78 23.45
N GLU D 37 -4.30 -37.89 24.13
CA GLU D 37 -4.65 -39.16 23.51
C GLU D 37 -5.70 -39.12 22.36
N SER D 38 -6.26 -37.95 22.06
CA SER D 38 -7.19 -37.80 20.93
C SER D 38 -6.56 -37.16 19.68
N ASN D 39 -5.42 -36.50 19.87
CA ASN D 39 -4.71 -35.77 18.81
C ASN D 39 -3.63 -36.57 18.05
N TRP D 40 -3.79 -36.65 16.74
CA TRP D 40 -2.76 -37.26 15.88
C TRP D 40 -1.59 -36.28 15.66
N ILE D 41 -0.37 -36.73 15.95
CA ILE D 41 0.83 -35.92 15.70
C ILE D 41 1.94 -36.70 14.97
N ALA D 42 2.15 -36.38 13.69
CA ALA D 42 3.16 -37.04 12.89
C ALA D 42 4.52 -36.87 13.54
N PRO D 43 5.45 -37.82 13.35
CA PRO D 43 6.79 -37.71 13.94
C PRO D 43 7.58 -36.49 13.48
N ASP D 44 7.25 -35.97 12.27
CA ASP D 44 7.87 -34.77 11.66
C ASP D 44 7.29 -33.48 12.20
N ALA D 45 6.09 -33.58 12.77
CA ALA D 45 5.39 -32.38 13.23
C ALA D 45 6.10 -31.77 14.44
N THR D 46 6.10 -30.45 14.50
CA THR D 46 6.86 -29.74 15.51
C THR D 46 5.97 -28.72 16.18
N LEU D 47 5.80 -28.89 17.47
CA LEU D 47 5.02 -27.99 18.30
C LEU D 47 5.97 -27.35 19.32
N ILE D 48 5.90 -26.02 19.46
CA ILE D 48 6.82 -25.26 20.30
C ILE D 48 6.09 -24.21 21.15
N GLY D 49 6.27 -24.20 22.47
CA GLY D 49 5.80 -23.10 23.30
C GLY D 49 4.30 -22.89 23.43
N LYS D 50 3.88 -21.65 23.32
CA LYS D 50 2.49 -21.29 23.59
C LYS D 50 1.50 -21.76 22.53
N VAL D 51 1.19 -23.05 22.50
CA VAL D 51 0.18 -23.60 21.60
C VAL D 51 -0.98 -24.23 22.35
N VAL D 52 -2.20 -23.81 22.04
CA VAL D 52 -3.38 -24.38 22.67
C VAL D 52 -4.08 -25.28 21.65
N VAL D 53 -4.25 -26.54 22.02
CA VAL D 53 -4.72 -27.60 21.12
C VAL D 53 -6.07 -28.23 21.47
N GLY D 54 -7.04 -28.12 20.57
CA GLY D 54 -8.35 -28.73 20.79
C GLY D 54 -8.30 -30.25 20.81
N GLU D 55 -9.47 -30.88 20.71
CA GLU D 55 -9.59 -32.34 20.71
C GLU D 55 -9.79 -32.79 19.29
N ASN D 56 -9.28 -33.98 18.98
CA ASN D 56 -9.38 -34.56 17.65
C ASN D 56 -8.68 -33.77 16.53
N ALA D 57 -8.05 -32.66 16.87
CA ALA D 57 -7.22 -31.91 15.92
C ALA D 57 -5.99 -32.75 15.58
N GLY D 58 -5.62 -32.74 14.31
CA GLY D 58 -4.51 -33.54 13.83
C GLY D 58 -3.46 -32.72 13.13
N PHE D 59 -2.20 -33.06 13.36
CA PHE D 59 -1.06 -32.31 12.82
C PHE D 59 -0.19 -33.23 12.00
N TRP D 60 -0.14 -32.99 10.70
CA TRP D 60 0.52 -33.93 9.79
C TRP D 60 1.97 -33.54 9.50
N PHE D 61 2.59 -34.27 8.57
CA PHE D 61 4.05 -34.22 8.37
C PHE D 61 4.66 -32.85 8.04
N GLY D 62 5.72 -32.52 8.77
CA GLY D 62 6.53 -31.36 8.46
C GLY D 62 5.91 -30.06 8.90
N ALA D 63 4.75 -30.15 9.54
CA ALA D 63 4.08 -28.97 10.09
C ALA D 63 4.95 -28.35 11.18
N VAL D 64 4.81 -27.04 11.36
CA VAL D 64 5.54 -26.27 12.37
C VAL D 64 4.63 -25.27 13.10
N LEU D 65 4.50 -25.43 14.41
CA LEU D 65 3.76 -24.45 15.21
C LEU D 65 4.75 -23.74 16.16
N ARG D 66 5.18 -22.53 15.80
CA ARG D 66 6.17 -21.83 16.65
C ARG D 66 5.49 -20.77 17.51
N GLY D 67 5.11 -21.18 18.72
CA GLY D 67 4.41 -20.29 19.64
C GLY D 67 5.36 -19.62 20.60
N ASP D 68 6.20 -18.72 20.08
CA ASP D 68 7.23 -18.08 20.88
C ASP D 68 6.88 -16.62 21.21
N ASN D 69 5.91 -16.06 20.48
CA ASN D 69 5.37 -14.74 20.79
C ASN D 69 4.01 -14.89 21.45
N GLU D 70 2.97 -14.59 20.67
CA GLU D 70 1.57 -14.73 21.07
C GLU D 70 1.12 -16.18 21.01
N PRO D 71 0.02 -16.51 21.70
CA PRO D 71 -0.38 -17.92 21.66
C PRO D 71 -1.13 -18.33 20.38
N ILE D 72 -1.00 -19.62 20.03
CA ILE D 72 -1.69 -20.22 18.88
C ILE D 72 -2.74 -21.20 19.37
N THR D 73 -3.99 -20.93 19.03
CA THR D 73 -5.14 -21.68 19.52
C THR D 73 -5.76 -22.50 18.42
N ILE D 74 -5.68 -23.82 18.57
CA ILE D 74 -6.18 -24.75 17.57
C ILE D 74 -7.52 -25.34 18.06
N GLY D 75 -8.63 -24.93 17.43
CA GLY D 75 -9.95 -25.42 17.76
C GLY D 75 -10.13 -26.94 17.76
N ALA D 76 -11.26 -27.44 18.25
CA ALA D 76 -11.48 -28.88 18.24
C ALA D 76 -11.87 -29.30 16.83
N ASP D 77 -11.66 -30.58 16.52
CA ASP D 77 -12.03 -31.17 15.22
C ASP D 77 -11.36 -30.51 14.00
N THR D 78 -10.33 -29.70 14.22
CA THR D 78 -9.72 -29.00 13.10
C THR D 78 -8.42 -29.69 12.62
N ASN D 79 -8.30 -29.92 11.32
CA ASN D 79 -7.10 -30.61 10.81
C ASN D 79 -6.03 -29.66 10.26
N VAL D 80 -4.80 -29.88 10.71
CA VAL D 80 -3.63 -29.12 10.26
C VAL D 80 -2.68 -29.96 9.35
N GLN D 81 -2.81 -29.82 8.03
CA GLN D 81 -2.12 -30.71 7.08
C GLN D 81 -0.61 -30.46 6.84
N GLU D 82 -0.04 -31.25 5.93
CA GLU D 82 1.42 -31.28 5.69
C GLU D 82 2.11 -29.92 5.66
N GLN D 83 3.14 -29.80 6.49
CA GLN D 83 4.04 -28.65 6.42
C GLN D 83 3.37 -27.28 6.53
N THR D 84 2.25 -27.22 7.24
CA THR D 84 1.64 -25.94 7.58
C THR D 84 2.55 -25.15 8.52
N ILE D 85 2.68 -23.85 8.30
CA ILE D 85 3.43 -22.96 9.20
C ILE D 85 2.48 -22.04 9.97
N MET D 86 2.63 -22.03 11.29
CA MET D 86 1.93 -21.03 12.11
C MET D 86 2.88 -20.21 12.97
N HIS D 87 2.62 -18.92 12.98
CA HIS D 87 3.45 -18.05 13.75
C HIS D 87 2.66 -16.81 14.13
N THR D 88 3.27 -15.96 14.94
CA THR D 88 2.63 -14.74 15.44
C THR D 88 3.62 -13.60 15.56
N ASP D 89 3.09 -12.38 15.52
CA ASP D 89 3.82 -11.22 15.96
C ASP D 89 3.10 -10.66 17.19
N ILE D 90 3.85 -10.01 18.08
CA ILE D 90 3.31 -9.52 19.34
C ILE D 90 2.12 -8.62 19.07
N GLY D 91 1.01 -8.87 19.76
CA GLY D 91 -0.21 -8.12 19.50
C GLY D 91 -1.17 -8.95 18.69
N PHE D 92 -0.72 -10.11 18.23
CA PHE D 92 -1.50 -10.92 17.32
C PHE D 92 -1.59 -12.38 17.71
N PRO D 93 -2.52 -12.71 18.61
CA PRO D 93 -2.73 -14.12 18.90
C PRO D 93 -3.33 -14.78 17.65
N LEU D 94 -3.07 -16.08 17.47
CA LEU D 94 -3.57 -16.79 16.30
C LEU D 94 -4.52 -17.87 16.77
N THR D 95 -5.78 -17.71 16.39
CA THR D 95 -6.82 -18.58 16.88
C THR D 95 -7.67 -19.12 15.73
N ILE D 96 -7.91 -20.43 15.79
CA ILE D 96 -8.68 -21.11 14.77
C ILE D 96 -9.95 -21.76 15.34
N GLY D 97 -11.09 -21.46 14.73
CA GLY D 97 -12.34 -22.07 15.15
C GLY D 97 -12.33 -23.59 15.07
N ALA D 98 -13.45 -24.20 15.42
CA ALA D 98 -13.51 -25.65 15.50
C ALA D 98 -13.92 -26.23 14.17
N GLY D 99 -13.49 -27.47 13.94
CA GLY D 99 -13.77 -28.17 12.69
C GLY D 99 -13.25 -27.43 11.48
N CYS D 100 -12.03 -26.91 11.56
CA CYS D 100 -11.45 -26.24 10.41
C CYS D 100 -10.53 -27.18 9.65
N THR D 101 -10.43 -26.94 8.35
CA THR D 101 -9.53 -27.74 7.55
C THR D 101 -8.42 -26.85 7.08
N ILE D 102 -7.23 -27.08 7.61
CA ILE D 102 -6.07 -26.28 7.15
C ILE D 102 -5.30 -27.04 6.07
N GLY D 103 -5.47 -26.57 4.82
CA GLY D 103 -4.95 -27.26 3.66
C GLY D 103 -3.46 -27.48 3.67
N HIS D 104 -2.98 -28.40 2.83
CA HIS D 104 -1.54 -28.67 2.70
C HIS D 104 -0.73 -27.38 2.57
N ARG D 105 0.27 -27.22 3.44
CA ARG D 105 1.27 -26.17 3.25
C ARG D 105 0.63 -24.79 3.31
N ALA D 106 -0.35 -24.61 4.18
CA ALA D 106 -0.89 -23.26 4.38
C ALA D 106 0.07 -22.47 5.25
N ILE D 107 0.02 -21.14 5.13
CA ILE D 107 0.72 -20.31 6.11
C ILE D 107 -0.30 -19.44 6.83
N LEU D 108 -0.36 -19.61 8.15
CA LEU D 108 -1.22 -18.82 9.02
C LEU D 108 -0.38 -18.01 10.00
N HIS D 109 -0.49 -16.68 9.92
CA HIS D 109 0.27 -15.76 10.80
C HIS D 109 -0.67 -14.80 11.56
N GLY D 110 -0.74 -14.98 12.89
CA GLY D 110 -1.42 -14.05 13.79
C GLY D 110 -2.83 -13.62 13.40
N CYS D 111 -3.68 -14.58 13.09
CA CYS D 111 -5.00 -14.22 12.59
C CYS D 111 -6.08 -15.01 13.32
N THR D 112 -7.34 -14.68 13.07
CA THR D 112 -8.39 -15.45 13.70
C THR D 112 -9.33 -15.96 12.60
N ILE D 113 -9.66 -17.23 12.73
CA ILE D 113 -10.43 -17.93 11.73
C ILE D 113 -11.65 -18.55 12.38
N GLY D 114 -12.83 -18.24 11.82
CA GLY D 114 -14.08 -18.77 12.32
C GLY D 114 -14.18 -20.29 12.24
N GLU D 115 -15.11 -20.87 13.00
CA GLU D 115 -15.34 -22.31 13.04
C GLU D 115 -15.86 -22.80 11.69
N ASN D 116 -15.64 -24.10 11.45
CA ASN D 116 -16.09 -24.75 10.23
C ASN D 116 -15.69 -24.03 8.92
N THR D 117 -14.45 -23.57 8.83
CA THR D 117 -13.92 -23.01 7.58
C THR D 117 -12.75 -23.82 7.04
N LEU D 118 -12.64 -23.85 5.73
CA LEU D 118 -11.48 -24.48 5.08
C LEU D 118 -10.48 -23.42 4.60
N ILE D 119 -9.24 -23.58 5.01
CA ILE D 119 -8.14 -22.80 4.43
C ILE D 119 -7.44 -23.64 3.36
N GLY D 120 -7.69 -23.32 2.09
CA GLY D 120 -7.15 -24.09 0.97
C GLY D 120 -5.64 -24.23 0.95
N MET D 121 -5.15 -25.31 0.36
CA MET D 121 -3.71 -25.60 0.33
C MET D 121 -2.90 -24.47 -0.28
N GLY D 122 -1.73 -24.21 0.31
CA GLY D 122 -0.86 -23.15 -0.17
C GLY D 122 -1.36 -21.73 0.04
N ALA D 123 -2.43 -21.56 0.80
CA ALA D 123 -2.98 -20.24 1.04
C ALA D 123 -2.23 -19.56 2.16
N ILE D 124 -2.20 -18.23 2.11
CA ILE D 124 -1.48 -17.41 3.09
C ILE D 124 -2.41 -16.40 3.75
N VAL D 125 -2.55 -16.50 5.07
CA VAL D 125 -3.35 -15.54 5.84
C VAL D 125 -2.48 -14.76 6.83
N LEU D 126 -2.51 -13.44 6.74
CA LEU D 126 -1.56 -12.59 7.46
C LEU D 126 -2.05 -12.00 8.81
N ASN D 127 -1.15 -11.29 9.51
CA ASN D 127 -1.46 -10.71 10.82
C ASN D 127 -2.74 -9.91 10.87
N GLY D 128 -3.56 -10.22 11.86
CA GLY D 128 -4.75 -9.45 12.17
C GLY D 128 -5.94 -9.73 11.29
N ALA D 129 -5.81 -10.63 10.32
CA ALA D 129 -6.90 -10.93 9.42
C ALA D 129 -8.00 -11.68 10.16
N LYS D 130 -9.24 -11.39 9.81
CA LYS D 130 -10.37 -11.96 10.52
C LYS D 130 -11.38 -12.55 9.55
N VAL D 131 -11.41 -13.87 9.48
CA VAL D 131 -12.28 -14.55 8.54
C VAL D 131 -13.45 -15.25 9.25
N GLY D 132 -14.66 -15.05 8.73
CA GLY D 132 -15.84 -15.58 9.39
C GLY D 132 -15.92 -17.09 9.44
N LYS D 133 -17.06 -17.59 9.94
CA LYS D 133 -17.33 -19.02 10.06
C LYS D 133 -17.98 -19.55 8.78
N ASN D 134 -17.91 -20.86 8.55
CA ASN D 134 -18.46 -21.46 7.32
C ASN D 134 -17.88 -20.82 6.04
N CYS D 135 -16.58 -20.60 6.01
CA CYS D 135 -15.93 -19.99 4.84
C CYS D 135 -15.01 -20.93 4.04
N LEU D 136 -14.91 -20.64 2.75
CA LEU D 136 -13.99 -21.34 1.87
C LEU D 136 -12.93 -20.37 1.36
N ILE D 137 -11.70 -20.59 1.82
CA ILE D 137 -10.56 -19.87 1.28
C ILE D 137 -9.85 -20.76 0.25
N GLY D 138 -9.91 -20.37 -1.02
CA GLY D 138 -9.36 -21.20 -2.07
C GLY D 138 -7.85 -21.41 -2.01
N ALA D 139 -7.37 -22.47 -2.66
CA ALA D 139 -5.94 -22.78 -2.73
C ALA D 139 -5.16 -21.61 -3.32
N GLY D 140 -3.96 -21.37 -2.79
CA GLY D 140 -3.08 -20.33 -3.29
C GLY D 140 -3.45 -18.86 -3.05
N THR D 141 -4.53 -18.62 -2.33
CA THR D 141 -5.03 -17.27 -2.09
C THR D 141 -4.30 -16.54 -0.95
N LEU D 142 -4.21 -15.22 -1.10
CA LEU D 142 -3.53 -14.36 -0.13
C LEU D 142 -4.49 -13.44 0.60
N VAL D 143 -4.69 -13.72 1.90
CA VAL D 143 -5.54 -12.88 2.76
C VAL D 143 -4.68 -11.87 3.51
N LYS D 144 -4.67 -10.62 3.03
CA LYS D 144 -3.73 -9.59 3.48
C LYS D 144 -3.98 -9.14 4.91
N GLU D 145 -3.04 -8.40 5.48
CA GLU D 145 -3.16 -7.93 6.87
C GLU D 145 -4.47 -7.23 7.18
N GLY D 146 -5.12 -7.67 8.26
CA GLY D 146 -6.31 -7.00 8.77
C GLY D 146 -7.56 -7.08 7.92
N MET D 147 -7.53 -7.90 6.88
CA MET D 147 -8.68 -8.06 6.00
C MET D 147 -9.80 -8.74 6.77
N GLU D 148 -11.03 -8.28 6.57
CA GLU D 148 -12.19 -8.87 7.25
C GLU D 148 -13.10 -9.57 6.25
N ILE D 149 -13.41 -10.84 6.54
CA ILE D 149 -14.19 -11.67 5.62
C ILE D 149 -15.42 -12.25 6.32
N PRO D 150 -16.62 -11.85 5.88
CA PRO D 150 -17.92 -12.21 6.45
C PRO D 150 -18.15 -13.72 6.48
N ASP D 151 -18.99 -14.19 7.40
CA ASP D 151 -19.37 -15.62 7.48
C ASP D 151 -19.93 -16.13 6.13
N ASN D 152 -19.84 -17.45 5.93
CA ASN D 152 -20.43 -18.13 4.76
C ASN D 152 -19.86 -17.70 3.41
N SER D 153 -18.65 -17.12 3.43
CA SER D 153 -18.01 -16.59 2.24
C SER D 153 -17.09 -17.56 1.50
N LEU D 154 -17.09 -17.40 0.18
CA LEU D 154 -16.09 -17.99 -0.70
C LEU D 154 -15.14 -16.90 -1.18
N VAL D 155 -13.84 -17.12 -0.98
CA VAL D 155 -12.83 -16.13 -1.31
C VAL D 155 -11.78 -16.71 -2.25
N VAL D 156 -11.50 -16.02 -3.35
CA VAL D 156 -10.46 -16.45 -4.30
C VAL D 156 -9.60 -15.26 -4.76
N GLY D 157 -8.39 -15.54 -5.23
CA GLY D 157 -7.56 -14.51 -5.86
C GLY D 157 -6.37 -13.97 -5.09
N SER D 158 -5.56 -13.17 -5.77
CA SER D 158 -4.46 -12.39 -5.19
C SER D 158 -4.38 -11.09 -5.99
N PRO D 159 -5.00 -10.01 -5.48
CA PRO D 159 -5.63 -9.83 -4.16
C PRO D 159 -6.92 -10.64 -3.96
N ALA D 160 -7.18 -11.03 -2.71
CA ALA D 160 -8.35 -11.82 -2.35
C ALA D 160 -9.65 -11.03 -2.51
N ARG D 161 -10.67 -11.67 -3.10
CA ARG D 161 -11.99 -11.08 -3.31
C ARG D 161 -13.06 -12.07 -2.88
N VAL D 162 -14.20 -11.57 -2.40
CA VAL D 162 -15.37 -12.43 -2.18
C VAL D 162 -16.15 -12.66 -3.48
N LEU D 163 -16.25 -13.92 -3.90
CA LEU D 163 -16.89 -14.25 -5.18
C LEU D 163 -18.41 -14.29 -5.03
N ARG D 164 -18.85 -15.02 -4.01
CA ARG D 164 -20.27 -15.20 -3.72
C ARG D 164 -20.37 -15.90 -2.36
N GLN D 165 -21.59 -16.12 -1.89
CA GLN D 165 -21.82 -16.80 -0.61
C GLN D 165 -22.04 -18.29 -0.83
N LEU D 166 -21.72 -19.09 0.18
CA LEU D 166 -21.87 -20.54 0.06
C LEU D 166 -23.31 -21.01 0.31
N ASP D 167 -23.79 -21.95 -0.49
CA ASP D 167 -25.07 -22.59 -0.20
C ASP D 167 -24.86 -23.54 0.98
N ASP D 168 -25.94 -24.04 1.58
CA ASP D 168 -25.78 -24.90 2.77
C ASP D 168 -25.14 -26.25 2.44
N ALA D 169 -25.21 -26.65 1.16
CA ALA D 169 -24.63 -27.93 0.76
C ALA D 169 -23.12 -27.85 0.86
N ALA D 170 -22.56 -26.72 0.42
CA ALA D 170 -21.13 -26.48 0.48
C ALA D 170 -20.72 -26.46 1.94
N VAL D 171 -21.49 -25.73 2.73
CA VAL D 171 -21.23 -25.63 4.15
C VAL D 171 -21.26 -27.02 4.82
N GLU D 172 -22.00 -27.95 4.19
CA GLU D 172 -22.06 -29.33 4.66
C GLU D 172 -20.80 -30.10 4.31
N LYS D 173 -20.24 -29.83 3.13
CA LYS D 173 -18.97 -30.45 2.76
C LYS D 173 -17.82 -30.01 3.67
N LEU D 174 -17.87 -28.78 4.18
CA LEU D 174 -16.88 -28.34 5.17
C LEU D 174 -16.92 -29.15 6.47
N ARG D 175 -18.10 -29.34 7.08
CA ARG D 175 -18.18 -30.17 8.28
C ARG D 175 -17.75 -31.60 7.98
N ALA D 176 -18.19 -32.10 6.81
CA ALA D 176 -17.84 -33.46 6.40
C ALA D 176 -16.33 -33.61 6.34
N SER D 177 -15.66 -32.61 5.75
CA SER D 177 -14.20 -32.59 5.64
C SER D 177 -13.47 -32.70 6.98
N ALA D 178 -13.85 -31.85 7.93
CA ALA D 178 -13.19 -31.82 9.25
C ALA D 178 -13.35 -33.16 9.93
N LYS D 179 -14.55 -33.72 9.74
CA LYS D 179 -14.96 -35.02 10.29
C LYS D 179 -14.24 -36.19 9.58
N HIS D 180 -14.06 -36.11 8.26
CA HIS D 180 -13.32 -37.17 7.59
C HIS D 180 -11.89 -37.23 8.14
N TYR D 181 -11.30 -36.05 8.36
CA TYR D 181 -9.90 -35.95 8.81
C TYR D 181 -9.69 -36.39 10.27
N VAL D 182 -10.67 -36.18 11.14
CA VAL D 182 -10.53 -36.74 12.50
C VAL D 182 -10.40 -38.27 12.43
N GLU D 183 -11.30 -38.91 11.67
CA GLU D 183 -11.26 -40.35 11.46
C GLU D 183 -9.94 -40.72 10.82
N ARG D 184 -9.52 -39.95 9.82
CA ARG D 184 -8.24 -40.22 9.19
C ARG D 184 -7.09 -40.07 10.21
N GLY D 185 -7.16 -39.05 11.06
CA GLY D 185 -6.15 -38.83 12.08
C GLY D 185 -6.00 -40.06 12.97
N HIS D 186 -7.11 -40.52 13.53
CA HIS D 186 -7.10 -41.71 14.38
C HIS D 186 -6.59 -42.94 13.64
N SER D 187 -7.09 -43.13 12.42
CA SER D 187 -6.68 -44.29 11.62
C SER D 187 -5.18 -44.37 11.44
N PHE D 188 -4.52 -43.21 11.46
CA PHE D 188 -3.07 -43.16 11.31
C PHE D 188 -2.33 -43.52 12.59
N MET D 189 -2.91 -43.20 13.75
CA MET D 189 -2.28 -43.59 15.03
C MET D 189 -2.21 -45.09 15.25
N ARG D 190 -3.17 -45.84 14.70
CA ARG D 190 -3.23 -47.29 14.91
C ARG D 190 -2.52 -48.03 13.77
N GLY D 191 -2.80 -47.58 12.54
CA GLY D 191 -2.39 -48.29 11.35
C GLY D 191 -1.17 -47.81 10.57
N MET D 192 -0.31 -46.98 11.17
CA MET D 192 0.95 -46.60 10.51
C MET D 192 2.21 -47.13 11.19
N GLU D 193 3.00 -47.89 10.45
CA GLU D 193 4.23 -48.48 10.94
C GLU D 193 5.34 -48.31 9.90
N PRO D 194 6.61 -48.24 10.34
CA PRO D 194 7.71 -48.21 9.36
C PRO D 194 7.72 -49.47 8.51
N ALA D 195 8.21 -49.36 7.27
CA ALA D 195 8.20 -50.49 6.33
C ALA D 195 9.62 -50.87 5.96
N MET E 21 23.25 -33.47 13.78
CA MET E 21 22.54 -32.51 12.93
C MET E 21 22.88 -32.71 11.44
N PRO E 22 21.94 -32.30 10.56
CA PRO E 22 22.10 -32.32 9.11
C PRO E 22 22.96 -31.19 8.51
N ILE E 23 24.25 -31.17 8.83
CA ILE E 23 25.23 -30.44 8.02
C ILE E 23 25.93 -31.49 7.17
N TYR E 24 25.76 -31.40 5.85
CA TYR E 24 26.27 -32.43 4.94
C TYR E 24 27.31 -31.87 4.00
N ALA E 25 28.26 -32.73 3.63
CA ALA E 25 29.21 -32.42 2.60
C ALA E 25 28.77 -33.09 1.33
N TYR E 26 29.07 -32.47 0.20
CA TYR E 26 28.76 -33.14 -1.05
C TYR E 26 29.96 -33.00 -1.92
N ASN E 27 30.47 -34.15 -2.34
CA ASN E 27 31.68 -34.24 -3.14
C ASN E 27 32.81 -33.51 -2.41
N GLY E 28 33.43 -32.54 -3.06
CA GLY E 28 34.53 -31.86 -2.42
C GLY E 28 34.20 -30.77 -1.41
N HIS E 29 32.99 -30.21 -1.47
CA HIS E 29 32.64 -29.08 -0.62
C HIS E 29 31.79 -29.34 0.61
N LYS E 30 32.07 -28.61 1.70
CA LYS E 30 31.24 -28.62 2.91
C LYS E 30 30.94 -27.19 3.41
N PRO E 31 29.81 -27.02 4.10
CA PRO E 31 29.47 -25.70 4.67
C PRO E 31 30.57 -25.09 5.57
N GLN E 32 30.94 -23.85 5.22
CA GLN E 32 31.96 -23.08 5.93
C GLN E 32 31.34 -21.92 6.72
N PHE E 33 31.67 -21.88 7.99
CA PHE E 33 31.17 -20.87 8.90
C PHE E 33 32.26 -19.90 9.27
N ALA E 34 31.97 -18.61 9.11
CA ALA E 34 32.89 -17.58 9.55
C ALA E 34 33.08 -17.74 11.06
N ASP E 35 31.97 -17.99 11.76
CA ASP E 35 32.05 -18.22 13.20
C ASP E 35 30.88 -19.09 13.63
N ARG E 36 31.05 -20.40 13.53
CA ARG E 36 29.94 -21.30 13.80
C ARG E 36 29.32 -21.24 15.21
N GLU E 37 30.08 -20.87 16.22
CA GLU E 37 29.50 -20.89 17.55
C GLU E 37 28.39 -19.84 17.70
N SER E 38 28.26 -18.97 16.71
CA SER E 38 27.28 -17.89 16.80
C SER E 38 25.96 -18.17 16.09
N ASN E 39 25.97 -19.17 15.22
CA ASN E 39 24.83 -19.53 14.39
C ASN E 39 23.80 -20.43 15.11
N TRP E 40 22.54 -20.01 15.11
CA TRP E 40 21.42 -20.87 15.54
C TRP E 40 21.03 -21.80 14.41
N ILE E 41 21.01 -23.09 14.70
CA ILE E 41 20.56 -24.10 13.72
C ILE E 41 19.54 -25.04 14.32
N ALA E 42 18.31 -24.92 13.86
CA ALA E 42 17.26 -25.85 14.28
C ALA E 42 17.67 -27.28 13.88
N PRO E 43 17.21 -28.28 14.63
CA PRO E 43 17.59 -29.67 14.28
C PRO E 43 17.13 -30.06 12.86
N ASP E 44 16.09 -29.40 12.38
CA ASP E 44 15.49 -29.69 11.09
C ASP E 44 16.23 -29.10 9.92
N ALA E 45 17.03 -28.08 10.19
CA ALA E 45 17.71 -27.34 9.14
C ALA E 45 18.76 -28.21 8.48
N THR E 46 18.98 -28.01 7.17
CA THR E 46 19.86 -28.88 6.41
C THR E 46 20.81 -28.09 5.49
N LEU E 47 22.10 -28.14 5.76
CA LEU E 47 23.02 -27.40 4.90
C LEU E 47 23.91 -28.37 4.17
N ILE E 48 24.03 -28.17 2.86
CA ILE E 48 24.66 -29.13 2.01
C ILE E 48 25.65 -28.49 1.02
N GLY E 49 26.90 -28.95 1.07
CA GLY E 49 27.88 -28.57 0.06
C GLY E 49 28.35 -27.12 0.15
N LYS E 50 28.45 -26.50 -1.02
CA LYS E 50 29.05 -25.17 -1.13
C LYS E 50 28.17 -24.11 -0.45
N VAL E 51 28.16 -24.10 0.87
CA VAL E 51 27.44 -23.07 1.61
C VAL E 51 28.36 -22.25 2.50
N VAL E 52 28.40 -20.94 2.27
CA VAL E 52 29.24 -20.04 3.06
C VAL E 52 28.38 -19.25 4.02
N VAL E 53 28.62 -19.42 5.32
CA VAL E 53 27.75 -18.81 6.31
C VAL E 53 28.44 -17.77 7.19
N GLY E 54 27.91 -16.54 7.18
CA GLY E 54 28.46 -15.48 8.00
C GLY E 54 28.23 -15.74 9.47
N GLU E 55 28.42 -14.73 10.30
CA GLU E 55 28.30 -14.93 11.73
C GLU E 55 26.95 -14.45 12.20
N ASN E 56 26.43 -15.06 13.26
CA ASN E 56 25.11 -14.75 13.82
C ASN E 56 23.91 -15.01 12.91
N ALA E 57 24.14 -15.58 11.73
CA ALA E 57 23.06 -16.00 10.85
C ALA E 57 22.25 -17.10 11.53
N GLY E 58 20.94 -17.09 11.33
CA GLY E 58 20.12 -18.11 11.95
C GLY E 58 19.30 -18.90 10.95
N PHE E 59 19.24 -20.22 11.14
CA PHE E 59 18.55 -21.14 10.23
C PHE E 59 17.51 -21.94 10.97
N TRP E 60 16.25 -21.71 10.66
CA TRP E 60 15.16 -22.32 11.40
C TRP E 60 14.63 -23.64 10.85
N PHE E 61 13.57 -24.15 11.47
CA PHE E 61 13.10 -25.52 11.24
C PHE E 61 12.75 -25.81 9.78
N GLY E 62 13.37 -26.86 9.25
CA GLY E 62 13.03 -27.38 7.95
C GLY E 62 13.62 -26.64 6.77
N ALA E 63 14.44 -25.62 7.05
CA ALA E 63 15.12 -24.89 5.98
C ALA E 63 16.06 -25.83 5.26
N VAL E 64 16.27 -25.59 3.98
CA VAL E 64 17.15 -26.42 3.18
C VAL E 64 17.97 -25.58 2.24
N LEU E 65 19.28 -25.64 2.38
CA LEU E 65 20.16 -24.91 1.47
C LEU E 65 21.04 -25.91 0.74
N ARG E 66 20.76 -26.12 -0.54
CA ARG E 66 21.50 -27.11 -1.31
C ARG E 66 22.60 -26.49 -2.20
N GLY E 67 23.82 -26.45 -1.69
CA GLY E 67 24.91 -25.86 -2.45
C GLY E 67 25.64 -26.90 -3.27
N ASP E 68 24.96 -27.45 -4.28
CA ASP E 68 25.53 -28.52 -5.08
C ASP E 68 25.95 -28.03 -6.48
N ASN E 69 25.42 -26.90 -6.91
CA ASN E 69 25.86 -26.28 -8.16
C ASN E 69 26.77 -25.07 -7.91
N GLU E 70 26.23 -23.86 -8.02
CA GLU E 70 26.96 -22.66 -7.64
C GLU E 70 26.88 -22.49 -6.12
N PRO E 71 27.78 -21.71 -5.52
CA PRO E 71 27.75 -21.59 -4.06
C PRO E 71 26.65 -20.68 -3.56
N ILE E 72 26.23 -20.89 -2.33
CA ILE E 72 25.21 -20.10 -1.63
C ILE E 72 25.85 -19.36 -0.49
N THR E 73 25.77 -18.03 -0.52
CA THR E 73 26.50 -17.21 0.44
C THR E 73 25.54 -16.44 1.36
N ILE E 74 25.59 -16.71 2.66
CA ILE E 74 24.69 -16.06 3.62
C ILE E 74 25.35 -15.01 4.50
N GLY E 75 25.09 -13.72 4.25
CA GLY E 75 25.66 -12.65 5.05
C GLY E 75 25.34 -12.72 6.54
N ALA E 76 26.07 -11.96 7.35
CA ALA E 76 25.90 -12.06 8.80
C ALA E 76 24.59 -11.44 9.28
N ASP E 77 24.13 -11.87 10.46
CA ASP E 77 22.88 -11.39 11.07
C ASP E 77 21.61 -11.70 10.26
N THR E 78 21.72 -12.62 9.30
CA THR E 78 20.61 -12.86 8.38
C THR E 78 19.77 -13.99 8.95
N ASN E 79 18.45 -13.82 9.04
CA ASN E 79 17.69 -14.94 9.55
C ASN E 79 16.97 -15.65 8.41
N VAL E 80 17.15 -16.97 8.38
CA VAL E 80 16.49 -17.82 7.38
C VAL E 80 15.38 -18.65 8.04
N GLN E 81 14.15 -18.20 7.91
CA GLN E 81 13.04 -18.80 8.66
C GLN E 81 12.53 -20.13 8.10
N GLU E 82 11.51 -20.68 8.76
CA GLU E 82 10.98 -22.02 8.49
C GLU E 82 10.87 -22.45 7.03
N GLN E 83 11.43 -23.61 6.76
CA GLN E 83 11.24 -24.36 5.52
C GLN E 83 11.57 -23.54 4.26
N THR E 84 12.47 -22.59 4.44
CA THR E 84 13.08 -21.84 3.35
C THR E 84 13.90 -22.80 2.51
N ILE E 85 13.79 -22.72 1.20
CA ILE E 85 14.63 -23.50 0.29
C ILE E 85 15.57 -22.61 -0.51
N MET E 86 16.86 -22.93 -0.53
CA MET E 86 17.76 -22.21 -1.43
C MET E 86 18.49 -23.21 -2.31
N HIS E 87 18.59 -22.87 -3.58
CA HIS E 87 19.24 -23.71 -4.58
C HIS E 87 19.78 -22.82 -5.71
N THR E 88 20.51 -23.43 -6.63
CA THR E 88 21.12 -22.72 -7.75
C THR E 88 21.11 -23.59 -9.00
N ASP E 89 21.12 -22.93 -10.15
CA ASP E 89 21.45 -23.57 -11.41
C ASP E 89 22.81 -22.97 -11.79
N ILE E 90 23.62 -23.69 -12.57
CA ILE E 90 24.96 -23.21 -12.92
C ILE E 90 24.92 -21.88 -13.69
N GLY E 91 25.76 -20.94 -13.27
CA GLY E 91 25.75 -19.59 -13.81
C GLY E 91 25.09 -18.59 -12.88
N PHE E 92 24.45 -19.09 -11.85
CA PHE E 92 23.71 -18.22 -10.96
C PHE E 92 23.99 -18.52 -9.49
N PRO E 93 25.12 -18.03 -8.97
CA PRO E 93 25.35 -18.15 -7.53
C PRO E 93 24.31 -17.34 -6.79
N LEU E 94 24.14 -17.65 -5.51
CA LEU E 94 23.12 -17.04 -4.69
C LEU E 94 23.75 -16.30 -3.52
N THR E 95 23.57 -15.00 -3.47
CA THR E 95 24.25 -14.23 -2.44
C THR E 95 23.21 -13.44 -1.70
N ILE E 96 23.30 -13.47 -0.38
CA ILE E 96 22.39 -12.76 0.49
C ILE E 96 23.14 -11.77 1.35
N GLY E 97 22.76 -10.50 1.29
CA GLY E 97 23.38 -9.51 2.11
C GLY E 97 23.16 -9.77 3.58
N ALA E 98 23.69 -8.89 4.42
CA ALA E 98 23.68 -9.08 5.85
C ALA E 98 22.46 -8.45 6.54
N GLY E 99 22.10 -9.00 7.69
CA GLY E 99 20.91 -8.58 8.42
C GLY E 99 19.62 -8.68 7.62
N CYS E 100 19.45 -9.76 6.85
CA CYS E 100 18.22 -9.98 6.08
C CYS E 100 17.21 -10.84 6.84
N THR E 101 15.93 -10.68 6.48
CA THR E 101 14.88 -11.51 7.03
C THR E 101 14.27 -12.35 5.92
N ILE E 102 14.57 -13.64 5.91
CA ILE E 102 14.00 -14.51 4.89
C ILE E 102 12.75 -15.21 5.45
N GLY E 103 11.59 -14.71 5.05
CA GLY E 103 10.33 -15.10 5.67
C GLY E 103 9.98 -16.57 5.57
N HIS E 104 9.03 -17.01 6.41
CA HIS E 104 8.59 -18.40 6.43
C HIS E 104 8.38 -18.92 5.01
N ARG E 105 9.07 -20.00 4.68
CA ARG E 105 8.75 -20.78 3.46
C ARG E 105 8.96 -20.04 2.13
N ALA E 106 9.98 -19.19 2.07
CA ALA E 106 10.39 -18.54 0.81
C ALA E 106 11.23 -19.47 -0.06
N ILE E 107 11.29 -19.20 -1.36
CA ILE E 107 12.22 -19.93 -2.23
C ILE E 107 13.21 -18.95 -2.88
N LEU E 108 14.50 -19.15 -2.65
CA LEU E 108 15.51 -18.32 -3.30
C LEU E 108 16.33 -19.18 -4.22
N HIS E 109 16.31 -18.84 -5.51
CA HIS E 109 17.01 -19.64 -6.51
C HIS E 109 17.96 -18.74 -7.29
N GLY E 110 19.25 -18.94 -7.15
CA GLY E 110 20.24 -18.29 -8.00
C GLY E 110 20.07 -16.79 -8.19
N CYS E 111 19.93 -16.07 -7.08
CA CYS E 111 19.64 -14.64 -7.11
C CYS E 111 20.59 -13.90 -6.16
N THR E 112 20.57 -12.56 -6.19
CA THR E 112 21.38 -11.84 -5.21
C THR E 112 20.46 -10.82 -4.50
N ILE E 113 20.61 -10.73 -3.17
CA ILE E 113 19.73 -9.92 -2.32
C ILE E 113 20.55 -8.91 -1.48
N GLY E 114 20.24 -7.62 -1.60
CA GLY E 114 20.95 -6.61 -0.82
C GLY E 114 20.80 -6.71 0.68
N GLU E 115 21.68 -6.03 1.41
CA GLU E 115 21.66 -6.03 2.86
C GLU E 115 20.40 -5.36 3.42
N ASN E 116 19.99 -5.76 4.63
CA ASN E 116 18.79 -5.23 5.29
C ASN E 116 17.51 -5.35 4.45
N THR E 117 17.33 -6.50 3.80
CA THR E 117 16.15 -6.73 2.97
C THR E 117 15.26 -7.82 3.60
N LEU E 118 13.94 -7.61 3.54
CA LEU E 118 13.02 -8.62 4.02
C LEU E 118 12.34 -9.29 2.85
N ILE E 119 12.46 -10.62 2.76
CA ILE E 119 11.73 -11.40 1.75
C ILE E 119 10.50 -12.03 2.43
N GLY E 120 9.33 -11.52 2.10
CA GLY E 120 8.10 -11.97 2.73
C GLY E 120 7.84 -13.45 2.65
N MET E 121 7.09 -13.95 3.62
CA MET E 121 6.77 -15.36 3.71
C MET E 121 6.08 -15.79 2.42
N GLY E 122 6.46 -16.99 1.98
CA GLY E 122 5.93 -17.55 0.76
C GLY E 122 6.38 -16.91 -0.54
N ALA E 123 7.30 -15.94 -0.48
CA ALA E 123 7.75 -15.29 -1.70
C ALA E 123 8.79 -16.15 -2.42
N ILE E 124 8.85 -15.98 -3.73
CA ILE E 124 9.74 -16.75 -4.58
C ILE E 124 10.64 -15.81 -5.39
N VAL E 125 11.95 -15.99 -5.28
CA VAL E 125 12.86 -15.21 -6.13
C VAL E 125 13.66 -16.09 -7.08
N LEU E 126 13.58 -15.81 -8.39
CA LEU E 126 14.14 -16.72 -9.39
C LEU E 126 15.53 -16.35 -9.87
N ASN E 127 16.11 -17.20 -10.71
CA ASN E 127 17.47 -17.05 -11.25
C ASN E 127 17.69 -15.67 -11.82
N GLY E 128 18.82 -15.07 -11.50
CA GLY E 128 19.24 -13.82 -12.13
C GLY E 128 18.60 -12.55 -11.61
N ALA E 129 17.68 -12.70 -10.67
CA ALA E 129 17.02 -11.56 -10.06
C ALA E 129 18.00 -10.87 -9.14
N LYS E 130 17.89 -9.55 -9.08
CA LYS E 130 18.77 -8.74 -8.24
C LYS E 130 17.90 -7.79 -7.47
N VAL E 131 17.74 -8.04 -6.17
CA VAL E 131 16.93 -7.15 -5.36
C VAL E 131 17.83 -6.35 -4.41
N GLY E 132 17.65 -5.03 -4.42
CA GLY E 132 18.53 -4.11 -3.73
C GLY E 132 18.55 -4.24 -2.23
N LYS E 133 19.21 -3.29 -1.57
CA LYS E 133 19.28 -3.25 -0.11
C LYS E 133 18.08 -2.50 0.45
N ASN E 134 17.74 -2.74 1.72
CA ASN E 134 16.59 -2.09 2.35
C ASN E 134 15.27 -2.30 1.64
N CYS E 135 15.03 -3.50 1.11
CA CYS E 135 13.81 -3.74 0.36
C CYS E 135 12.82 -4.59 1.16
N LEU E 136 11.54 -4.36 0.86
CA LEU E 136 10.43 -5.16 1.39
C LEU E 136 9.74 -5.87 0.25
N ILE E 137 9.97 -7.18 0.17
CA ILE E 137 9.33 -8.03 -0.84
C ILE E 137 8.13 -8.69 -0.16
N GLY E 138 6.92 -8.28 -0.53
CA GLY E 138 5.77 -8.74 0.22
C GLY E 138 5.46 -10.23 0.13
N ALA E 139 4.72 -10.76 1.10
CA ALA E 139 4.36 -12.18 1.13
C ALA E 139 3.69 -12.66 -0.17
N GLY E 140 4.03 -13.88 -0.58
CA GLY E 140 3.45 -14.49 -1.76
C GLY E 140 3.87 -13.94 -3.13
N THR E 141 4.80 -12.99 -3.15
CA THR E 141 5.19 -12.38 -4.40
C THR E 141 6.21 -13.22 -5.15
N LEU E 142 6.14 -13.16 -6.48
CA LEU E 142 7.03 -13.87 -7.37
C LEU E 142 7.94 -12.93 -8.19
N VAL E 143 9.24 -12.93 -7.87
CA VAL E 143 10.21 -12.10 -8.57
C VAL E 143 10.79 -12.89 -9.71
N LYS E 144 10.39 -12.57 -10.93
CA LYS E 144 10.75 -13.39 -12.08
C LYS E 144 12.23 -13.29 -12.42
N GLU E 145 12.68 -14.22 -13.26
CA GLU E 145 14.08 -14.30 -13.67
C GLU E 145 14.60 -12.96 -14.15
N GLY E 146 15.76 -12.57 -13.62
CA GLY E 146 16.47 -11.37 -14.03
C GLY E 146 15.88 -10.03 -13.63
N MET E 147 14.82 -10.05 -12.84
CA MET E 147 14.18 -8.81 -12.45
C MET E 147 15.09 -8.01 -11.52
N GLU E 148 15.13 -6.71 -11.75
CA GLU E 148 15.99 -5.81 -10.99
C GLU E 148 15.15 -4.90 -10.13
N ILE E 149 15.51 -4.82 -8.86
CA ILE E 149 14.74 -4.05 -7.90
C ILE E 149 15.59 -3.04 -7.16
N PRO E 150 15.33 -1.74 -7.39
CA PRO E 150 16.08 -0.63 -6.80
C PRO E 150 16.06 -0.70 -5.29
N ASP E 151 17.09 -0.14 -4.67
CA ASP E 151 17.20 -0.10 -3.23
C ASP E 151 15.96 0.56 -2.66
N ASN E 152 15.63 0.20 -1.43
CA ASN E 152 14.51 0.78 -0.68
C ASN E 152 13.10 0.58 -1.23
N SER E 153 12.93 -0.36 -2.15
CA SER E 153 11.64 -0.55 -2.81
C SER E 153 10.67 -1.43 -2.00
N LEU E 154 9.37 -1.17 -2.16
CA LEU E 154 8.33 -2.06 -1.67
C LEU E 154 7.77 -2.85 -2.84
N VAL E 155 7.85 -4.18 -2.77
CA VAL E 155 7.43 -4.99 -3.93
C VAL E 155 6.32 -5.95 -3.54
N VAL E 156 5.21 -5.90 -4.29
CA VAL E 156 4.09 -6.85 -4.10
C VAL E 156 3.46 -7.33 -5.40
N GLY E 157 2.76 -8.46 -5.36
CA GLY E 157 1.99 -8.91 -6.51
C GLY E 157 2.53 -10.10 -7.28
N SER E 158 1.68 -10.63 -8.15
CA SER E 158 2.07 -11.70 -9.05
C SER E 158 1.32 -11.43 -10.33
N PRO E 159 1.99 -10.79 -11.31
CA PRO E 159 3.44 -10.48 -11.37
C PRO E 159 3.88 -9.43 -10.34
N ALA E 160 5.13 -9.51 -9.89
CA ALA E 160 5.64 -8.57 -8.89
C ALA E 160 5.74 -7.19 -9.47
N ARG E 161 5.34 -6.20 -8.69
CA ARG E 161 5.48 -4.81 -9.11
C ARG E 161 6.15 -3.99 -8.04
N VAL E 162 7.00 -3.06 -8.47
CA VAL E 162 7.59 -2.10 -7.55
C VAL E 162 6.57 -1.03 -7.25
N LEU E 163 6.13 -0.98 -6.00
CA LEU E 163 5.03 -0.12 -5.60
C LEU E 163 5.52 1.31 -5.35
N ARG E 164 6.53 1.43 -4.49
CA ARG E 164 7.07 2.71 -4.07
C ARG E 164 8.34 2.50 -3.23
N GLN E 165 8.98 3.59 -2.82
CA GLN E 165 10.11 3.47 -1.89
C GLN E 165 9.67 3.69 -0.44
N LEU E 166 10.38 3.03 0.47
CA LEU E 166 10.09 3.10 1.91
C LEU E 166 10.60 4.37 2.63
N ASP E 167 9.87 4.80 3.66
CA ASP E 167 10.35 5.90 4.50
C ASP E 167 11.51 5.38 5.36
N ASP E 168 12.22 6.29 6.04
CA ASP E 168 13.34 5.85 6.87
C ASP E 168 12.88 5.10 8.12
N ALA E 169 11.63 5.31 8.54
CA ALA E 169 11.13 4.57 9.69
C ALA E 169 10.93 3.09 9.33
N ALA E 170 10.46 2.83 8.10
CA ALA E 170 10.28 1.46 7.63
C ALA E 170 11.61 0.72 7.55
N VAL E 171 12.60 1.38 6.96
CA VAL E 171 13.91 0.80 6.84
C VAL E 171 14.51 0.48 8.21
N GLU E 172 14.07 1.18 9.24
CA GLU E 172 14.59 0.88 10.55
C GLU E 172 13.92 -0.37 11.12
N LYS E 173 12.63 -0.54 10.83
CA LYS E 173 11.97 -1.78 11.24
C LYS E 173 12.60 -3.00 10.58
N LEU E 174 13.15 -2.84 9.38
CA LEU E 174 13.89 -3.96 8.78
C LEU E 174 15.07 -4.34 9.66
N ARG E 175 15.89 -3.36 10.04
CA ARG E 175 17.01 -3.60 10.95
C ARG E 175 16.54 -4.18 12.29
N ALA E 176 15.43 -3.68 12.80
CA ALA E 176 14.91 -4.24 14.04
C ALA E 176 14.61 -5.73 13.87
N SER E 177 13.97 -6.09 12.76
CA SER E 177 13.67 -7.49 12.46
C SER E 177 14.93 -8.36 12.57
N ALA E 178 15.99 -7.97 11.87
CA ALA E 178 17.23 -8.73 11.88
C ALA E 178 17.85 -8.79 13.30
N LYS E 179 17.72 -7.71 14.06
CA LYS E 179 18.30 -7.61 15.39
C LYS E 179 17.56 -8.55 16.34
N HIS E 180 16.23 -8.54 16.27
CA HIS E 180 15.38 -9.37 17.12
C HIS E 180 15.53 -10.86 16.83
N TYR E 181 15.76 -11.22 15.58
CA TYR E 181 15.88 -12.65 15.25
C TYR E 181 17.19 -13.23 15.79
N VAL E 182 18.27 -12.46 15.76
CA VAL E 182 19.48 -12.91 16.44
C VAL E 182 19.24 -13.19 17.94
N GLU E 183 18.54 -12.28 18.61
CA GLU E 183 18.17 -12.51 20.00
C GLU E 183 17.27 -13.73 20.14
N ARG E 184 16.30 -13.87 19.24
CA ARG E 184 15.40 -15.01 19.27
C ARG E 184 16.15 -16.32 18.97
N GLY E 185 17.13 -16.25 18.06
CA GLY E 185 17.97 -17.39 17.76
C GLY E 185 18.72 -17.88 18.98
N HIS E 186 19.51 -17.00 19.59
CA HIS E 186 20.29 -17.35 20.78
C HIS E 186 19.39 -17.87 21.90
N SER E 187 18.29 -17.16 22.12
CA SER E 187 17.30 -17.56 23.09
C SER E 187 16.74 -18.98 22.80
N PHE E 188 16.77 -19.41 21.53
CA PHE E 188 16.35 -20.78 21.19
C PHE E 188 17.43 -21.84 21.43
N MET E 189 18.70 -21.46 21.31
CA MET E 189 19.77 -22.43 21.55
C MET E 189 19.76 -22.94 22.99
N ARG E 190 19.27 -22.11 23.90
CA ARG E 190 19.28 -22.46 25.32
C ARG E 190 17.89 -22.74 25.96
N GLY E 191 16.88 -21.95 25.59
CA GLY E 191 15.60 -22.03 26.27
C GLY E 191 14.57 -22.89 25.58
N MET E 192 15.04 -23.73 24.64
CA MET E 192 14.18 -24.73 24.01
C MET E 192 14.52 -26.10 24.57
N GLU E 193 13.53 -26.72 25.18
CA GLU E 193 13.67 -28.03 25.80
C GLU E 193 12.49 -28.92 25.42
N PRO E 194 12.71 -30.23 25.31
CA PRO E 194 11.59 -31.17 25.11
C PRO E 194 10.59 -31.15 26.27
N ALA E 195 9.33 -31.46 25.99
CA ALA E 195 8.28 -31.35 27.01
C ALA E 195 7.29 -32.48 26.92
N MET F 21 14.71 -44.60 8.15
CA MET F 21 14.19 -43.67 7.14
C MET F 21 12.67 -43.59 7.16
N PRO F 22 12.11 -42.42 6.79
CA PRO F 22 10.66 -42.29 6.71
C PRO F 22 10.04 -42.93 5.45
N ILE F 23 10.26 -44.23 5.26
CA ILE F 23 9.43 -45.01 4.33
C ILE F 23 8.36 -45.73 5.16
N TYR F 24 7.09 -45.37 4.97
CA TYR F 24 6.05 -45.90 5.85
C TYR F 24 5.01 -46.75 5.17
N ALA F 25 4.59 -47.81 5.87
CA ALA F 25 3.45 -48.61 5.45
C ALA F 25 2.27 -48.16 6.25
N TYR F 26 1.13 -48.06 5.59
CA TYR F 26 -0.12 -47.65 6.24
C TYR F 26 -1.23 -48.58 5.80
N ASN F 27 -1.97 -49.10 6.78
CA ASN F 27 -3.01 -50.07 6.52
C ASN F 27 -2.24 -51.23 5.86
N GLY F 28 -2.86 -51.97 4.96
CA GLY F 28 -2.10 -53.05 4.34
C GLY F 28 -0.98 -52.64 3.39
N HIS F 29 -1.01 -51.37 2.97
CA HIS F 29 -0.26 -50.90 1.79
C HIS F 29 1.13 -50.28 2.09
N LYS F 30 2.10 -50.61 1.26
CA LYS F 30 3.49 -50.15 1.39
C LYS F 30 4.01 -49.58 0.07
N PRO F 31 4.96 -48.64 0.15
CA PRO F 31 5.61 -48.13 -1.06
C PRO F 31 6.24 -49.27 -1.84
N GLN F 32 6.01 -49.33 -3.14
CA GLN F 32 6.63 -50.38 -3.94
C GLN F 32 7.67 -49.82 -4.92
N PHE F 33 8.89 -50.34 -4.85
CA PHE F 33 9.97 -49.88 -5.72
C PHE F 33 10.33 -50.88 -6.79
N ALA F 34 10.19 -50.45 -8.04
CA ALA F 34 10.61 -51.26 -9.19
C ALA F 34 12.11 -51.59 -9.06
N ASP F 35 12.93 -50.64 -8.60
CA ASP F 35 14.33 -50.92 -8.26
C ASP F 35 14.82 -49.99 -7.17
N ARG F 36 14.63 -50.39 -5.91
CA ARG F 36 14.93 -49.55 -4.75
C ARG F 36 16.38 -49.07 -4.73
N GLU F 37 17.28 -49.75 -5.41
CA GLU F 37 18.67 -49.34 -5.35
C GLU F 37 19.09 -48.30 -6.41
N SER F 38 18.18 -47.97 -7.31
CA SER F 38 18.40 -46.92 -8.31
C SER F 38 17.77 -45.61 -7.86
N ASN F 39 16.93 -45.68 -6.83
CA ASN F 39 16.23 -44.51 -6.30
C ASN F 39 17.02 -43.78 -5.22
N TRP F 40 17.29 -42.51 -5.45
CA TRP F 40 17.83 -41.62 -4.44
C TRP F 40 16.68 -41.20 -3.52
N ILE F 41 16.85 -41.41 -2.22
CA ILE F 41 15.86 -40.96 -1.24
C ILE F 41 16.53 -40.15 -0.16
N ALA F 42 16.26 -38.85 -0.11
CA ALA F 42 16.80 -38.02 0.97
C ALA F 42 16.28 -38.54 2.31
N PRO F 43 17.11 -38.44 3.37
CA PRO F 43 16.72 -38.90 4.71
C PRO F 43 15.48 -38.18 5.27
N ASP F 44 15.21 -37.00 4.73
CA ASP F 44 14.05 -36.20 5.10
C ASP F 44 12.79 -36.67 4.39
N ALA F 45 12.98 -37.42 3.30
CA ALA F 45 11.87 -37.78 2.40
C ALA F 45 10.91 -38.78 3.04
N THR F 46 9.63 -38.64 2.71
CA THR F 46 8.63 -39.48 3.34
C THR F 46 7.64 -40.04 2.33
N LEU F 47 7.67 -41.37 2.21
CA LEU F 47 6.78 -42.09 1.29
C LEU F 47 5.87 -42.95 2.12
N ILE F 48 4.56 -42.85 1.87
CA ILE F 48 3.56 -43.50 2.70
C ILE F 48 2.46 -44.21 1.92
N GLY F 49 2.25 -45.49 2.21
CA GLY F 49 1.08 -46.19 1.70
C GLY F 49 1.17 -46.53 0.24
N LYS F 50 0.08 -46.27 -0.47
CA LYS F 50 -0.02 -46.71 -1.85
C LYS F 50 0.82 -45.84 -2.75
N VAL F 51 2.14 -46.00 -2.65
CA VAL F 51 3.06 -45.25 -3.51
C VAL F 51 3.82 -46.19 -4.42
N VAL F 52 3.75 -45.95 -5.73
CA VAL F 52 4.51 -46.77 -6.68
C VAL F 52 5.70 -46.03 -7.29
N VAL F 53 6.90 -46.55 -7.06
CA VAL F 53 8.10 -45.80 -7.43
C VAL F 53 8.85 -46.41 -8.63
N GLY F 54 8.94 -45.66 -9.72
CA GLY F 54 9.65 -46.13 -10.89
C GLY F 54 11.15 -46.30 -10.71
N GLU F 55 11.86 -46.37 -11.83
CA GLU F 55 13.31 -46.58 -11.79
C GLU F 55 14.01 -45.25 -11.87
N ASN F 56 15.07 -45.13 -11.10
CA ASN F 56 15.91 -43.93 -11.03
C ASN F 56 15.19 -42.64 -10.56
N ALA F 57 13.90 -42.72 -10.25
CA ALA F 57 13.20 -41.55 -9.73
C ALA F 57 13.81 -41.17 -8.38
N GLY F 58 13.93 -39.87 -8.12
CA GLY F 58 14.60 -39.38 -6.93
C GLY F 58 13.76 -38.48 -6.05
N PHE F 59 13.95 -38.59 -4.75
CA PHE F 59 13.13 -37.84 -3.81
C PHE F 59 13.96 -36.98 -2.89
N TRP F 60 13.81 -35.66 -2.99
CA TRP F 60 14.72 -34.81 -2.23
C TRP F 60 14.12 -34.38 -0.90
N PHE F 61 14.88 -33.57 -0.17
CA PHE F 61 14.65 -33.29 1.23
C PHE F 61 13.27 -32.76 1.58
N GLY F 62 12.65 -33.39 2.58
CA GLY F 62 11.41 -32.92 3.14
C GLY F 62 10.19 -33.23 2.30
N ALA F 63 10.35 -33.96 1.20
CA ALA F 63 9.21 -34.35 0.37
C ALA F 63 8.26 -35.27 1.11
N VAL F 64 6.97 -35.18 0.77
CA VAL F 64 5.96 -36.00 1.42
C VAL F 64 4.96 -36.54 0.42
N LEU F 65 4.94 -37.86 0.29
CA LEU F 65 4.00 -38.54 -0.60
C LEU F 65 3.08 -39.36 0.25
N ARG F 66 1.86 -38.87 0.39
CA ARG F 66 0.87 -39.53 1.23
C ARG F 66 -0.11 -40.29 0.34
N GLY F 67 0.09 -41.58 0.18
CA GLY F 67 -0.82 -42.39 -0.61
C GLY F 67 -1.85 -43.06 0.29
N ASP F 68 -2.73 -42.29 0.91
CA ASP F 68 -3.64 -42.88 1.87
C ASP F 68 -5.06 -42.99 1.33
N ASN F 69 -5.38 -42.24 0.27
CA ASN F 69 -6.63 -42.43 -0.42
C ASN F 69 -6.35 -43.20 -1.72
N GLU F 70 -6.36 -42.51 -2.87
CA GLU F 70 -5.98 -43.14 -4.14
C GLU F 70 -4.46 -43.33 -4.19
N PRO F 71 -3.98 -44.23 -5.07
CA PRO F 71 -2.53 -44.46 -5.11
C PRO F 71 -1.77 -43.38 -5.89
N ILE F 72 -0.50 -43.18 -5.53
CA ILE F 72 0.39 -42.16 -6.14
C ILE F 72 1.46 -42.83 -7.00
N THR F 73 1.43 -42.53 -8.29
CA THR F 73 2.26 -43.28 -9.22
C THR F 73 3.37 -42.42 -9.86
N ILE F 74 4.62 -42.75 -9.52
CA ILE F 74 5.76 -41.95 -9.94
C ILE F 74 6.56 -42.60 -11.05
N GLY F 75 6.39 -42.10 -12.29
CA GLY F 75 7.09 -42.64 -13.45
C GLY F 75 8.60 -42.70 -13.32
N ALA F 76 9.26 -43.43 -14.20
CA ALA F 76 10.71 -43.61 -14.07
C ALA F 76 11.47 -42.34 -14.47
N ASP F 77 12.69 -42.22 -13.94
CA ASP F 77 13.56 -41.08 -14.21
C ASP F 77 12.98 -39.72 -13.76
N THR F 78 11.99 -39.72 -12.86
CA THR F 78 11.32 -38.49 -12.44
C THR F 78 11.91 -37.93 -11.12
N ASN F 79 12.21 -36.63 -11.06
CA ASN F 79 12.73 -36.07 -9.82
C ASN F 79 11.65 -35.27 -9.10
N VAL F 80 11.55 -35.51 -7.80
CA VAL F 80 10.65 -34.82 -6.90
C VAL F 80 11.50 -33.97 -5.99
N GLN F 81 11.50 -32.66 -6.21
CA GLN F 81 12.43 -31.77 -5.49
C GLN F 81 11.97 -31.39 -4.08
N GLU F 82 12.80 -30.64 -3.36
CA GLU F 82 12.58 -30.32 -1.95
C GLU F 82 11.14 -29.99 -1.58
N GLN F 83 10.63 -30.71 -0.59
CA GLN F 83 9.35 -30.46 0.07
C GLN F 83 8.14 -30.46 -0.84
N THR F 84 8.21 -31.22 -1.92
CA THR F 84 7.02 -31.50 -2.70
C THR F 84 6.03 -32.28 -1.85
N ILE F 85 4.76 -31.91 -1.96
CA ILE F 85 3.67 -32.63 -1.32
C ILE F 85 2.83 -33.24 -2.41
N MET F 86 2.57 -34.53 -2.30
CA MET F 86 1.62 -35.15 -3.19
C MET F 86 0.56 -35.84 -2.35
N HIS F 87 -0.70 -35.68 -2.76
CA HIS F 87 -1.83 -36.22 -2.02
C HIS F 87 -2.95 -36.52 -3.02
N THR F 88 -4.04 -37.13 -2.54
CA THR F 88 -5.17 -37.50 -3.37
C THR F 88 -6.49 -37.33 -2.65
N ASP F 89 -7.56 -37.15 -3.44
CA ASP F 89 -8.93 -37.34 -2.95
C ASP F 89 -9.51 -38.56 -3.68
N ILE F 90 -10.39 -39.29 -3.01
CA ILE F 90 -10.99 -40.51 -3.57
C ILE F 90 -11.68 -40.17 -4.89
N GLY F 91 -11.37 -40.96 -5.93
CA GLY F 91 -11.84 -40.67 -7.27
C GLY F 91 -10.78 -40.02 -8.17
N PHE F 92 -9.65 -39.63 -7.58
CA PHE F 92 -8.60 -38.91 -8.32
C PHE F 92 -7.22 -39.49 -8.02
N PRO F 93 -6.87 -40.60 -8.67
CA PRO F 93 -5.53 -41.13 -8.46
C PRO F 93 -4.54 -40.15 -9.05
N LEU F 94 -3.30 -40.16 -8.56
CA LEU F 94 -2.26 -39.21 -8.97
C LEU F 94 -1.14 -39.92 -9.74
N THR F 95 -1.00 -39.51 -10.99
CA THR F 95 -0.09 -40.20 -11.90
C THR F 95 0.89 -39.25 -12.57
N ILE F 96 2.16 -39.63 -12.53
CA ILE F 96 3.22 -38.82 -13.14
C ILE F 96 3.97 -39.60 -14.22
N GLY F 97 4.04 -39.04 -15.44
CA GLY F 97 4.78 -39.64 -16.55
C GLY F 97 6.24 -39.87 -16.26
N ALA F 98 7.03 -40.35 -17.21
CA ALA F 98 8.43 -40.64 -16.87
C ALA F 98 9.35 -39.46 -17.19
N GLY F 99 10.46 -39.35 -16.46
CA GLY F 99 11.37 -38.23 -16.66
C GLY F 99 10.71 -36.87 -16.51
N CYS F 100 9.91 -36.69 -15.45
CA CYS F 100 9.31 -35.39 -15.14
C CYS F 100 10.19 -34.67 -14.15
N THR F 101 10.13 -33.33 -14.17
CA THR F 101 10.85 -32.49 -13.21
C THR F 101 9.85 -31.72 -12.37
N ILE F 102 9.79 -32.08 -11.10
CA ILE F 102 8.85 -31.46 -10.18
C ILE F 102 9.55 -30.43 -9.32
N GLY F 103 9.37 -29.16 -9.65
CA GLY F 103 10.16 -28.12 -8.98
C GLY F 103 10.06 -28.05 -7.46
N HIS F 104 11.01 -27.35 -6.84
CA HIS F 104 11.04 -27.13 -5.40
C HIS F 104 9.65 -26.74 -4.84
N ARG F 105 9.18 -27.48 -3.82
CA ARG F 105 7.99 -27.06 -3.04
C ARG F 105 6.72 -26.97 -3.89
N ALA F 106 6.57 -27.82 -4.91
CA ALA F 106 5.31 -27.86 -5.63
C ALA F 106 4.32 -28.70 -4.83
N ILE F 107 3.04 -28.52 -5.14
CA ILE F 107 1.99 -29.38 -4.64
C ILE F 107 1.27 -30.06 -5.78
N LEU F 108 1.24 -31.38 -5.71
CA LEU F 108 0.46 -32.15 -6.66
C LEU F 108 -0.66 -32.80 -5.91
N HIS F 109 -1.88 -32.50 -6.35
CA HIS F 109 -3.06 -33.09 -5.74
C HIS F 109 -3.96 -33.82 -6.74
N GLY F 110 -3.99 -35.16 -6.65
CA GLY F 110 -4.97 -35.98 -7.36
C GLY F 110 -5.12 -35.63 -8.83
N CYS F 111 -3.99 -35.59 -9.52
CA CYS F 111 -3.92 -35.07 -10.89
C CYS F 111 -3.12 -36.00 -11.78
N THR F 112 -3.14 -35.69 -13.07
CA THR F 112 -2.43 -36.51 -14.03
C THR F 112 -1.46 -35.67 -14.90
N ILE F 113 -0.22 -36.15 -14.97
CA ILE F 113 0.87 -35.42 -15.59
C ILE F 113 1.64 -36.21 -16.65
N GLY F 114 1.69 -35.67 -17.86
CA GLY F 114 2.37 -36.33 -18.96
C GLY F 114 3.84 -36.56 -18.71
N GLU F 115 4.45 -37.46 -19.48
CA GLU F 115 5.89 -37.68 -19.41
C GLU F 115 6.62 -36.44 -19.87
N ASN F 116 7.84 -36.29 -19.40
CA ASN F 116 8.70 -35.19 -19.78
C ASN F 116 8.08 -33.81 -19.57
N THR F 117 7.41 -33.63 -18.44
CA THR F 117 6.82 -32.36 -18.07
C THR F 117 7.56 -31.77 -16.87
N LEU F 118 7.72 -30.45 -16.88
CA LEU F 118 8.27 -29.72 -15.74
C LEU F 118 7.18 -28.93 -15.03
N ILE F 119 7.08 -29.17 -13.71
CA ILE F 119 6.21 -28.39 -12.83
C ILE F 119 7.06 -27.40 -12.03
N GLY F 120 6.94 -26.11 -12.36
CA GLY F 120 7.76 -25.09 -11.71
C GLY F 120 7.70 -25.08 -10.19
N MET F 121 8.75 -24.56 -9.56
CA MET F 121 8.81 -24.50 -8.11
C MET F 121 7.64 -23.70 -7.56
N GLY F 122 7.09 -24.17 -6.44
CA GLY F 122 5.95 -23.54 -5.81
C GLY F 122 4.63 -23.61 -6.55
N ALA F 123 4.56 -24.40 -7.62
CA ALA F 123 3.32 -24.46 -8.39
C ALA F 123 2.36 -25.45 -7.77
N ILE F 124 1.08 -25.23 -8.02
CA ILE F 124 0.03 -26.06 -7.48
C ILE F 124 -0.88 -26.63 -8.58
N VAL F 125 -0.96 -27.94 -8.64
CA VAL F 125 -1.88 -28.61 -9.57
C VAL F 125 -2.94 -29.36 -8.79
N LEU F 126 -4.19 -29.00 -9.02
CA LEU F 126 -5.29 -29.54 -8.21
C LEU F 126 -6.03 -30.72 -8.88
N ASN F 127 -6.96 -31.33 -8.12
CA ASN F 127 -7.71 -32.54 -8.48
C ASN F 127 -8.28 -32.54 -9.88
N GLY F 128 -8.07 -33.64 -10.58
CA GLY F 128 -8.69 -33.83 -11.88
C GLY F 128 -8.01 -33.08 -13.00
N ALA F 129 -6.97 -32.33 -12.67
CA ALA F 129 -6.29 -31.55 -13.69
C ALA F 129 -5.50 -32.46 -14.60
N LYS F 130 -5.42 -32.10 -15.87
CA LYS F 130 -4.73 -32.96 -16.83
C LYS F 130 -3.71 -32.17 -17.63
N VAL F 131 -2.44 -32.39 -17.33
CA VAL F 131 -1.39 -31.69 -18.06
C VAL F 131 -0.71 -32.68 -19.00
N GLY F 132 -0.58 -32.28 -20.26
CA GLY F 132 -0.01 -33.13 -21.27
C GLY F 132 1.46 -33.42 -21.08
N LYS F 133 2.03 -34.06 -22.09
CA LYS F 133 3.45 -34.37 -22.09
C LYS F 133 4.18 -33.16 -22.64
N ASN F 134 5.48 -33.06 -22.34
CA ASN F 134 6.29 -31.94 -22.83
C ASN F 134 5.74 -30.57 -22.47
N CYS F 135 5.26 -30.38 -21.25
CA CYS F 135 4.73 -29.07 -20.85
C CYS F 135 5.67 -28.38 -19.86
N LEU F 136 5.61 -27.05 -19.84
CA LEU F 136 6.33 -26.28 -18.81
C LEU F 136 5.31 -25.47 -17.99
N ILE F 137 5.18 -25.80 -16.70
CA ILE F 137 4.33 -25.01 -15.82
C ILE F 137 5.18 -24.02 -15.03
N GLY F 138 4.96 -22.73 -15.22
CA GLY F 138 5.84 -21.75 -14.59
C GLY F 138 5.78 -21.79 -13.07
N ALA F 139 6.83 -21.32 -12.41
CA ALA F 139 6.87 -21.28 -10.95
C ALA F 139 5.70 -20.50 -10.39
N GLY F 140 5.19 -20.93 -9.23
CA GLY F 140 4.11 -20.23 -8.58
C GLY F 140 2.74 -20.32 -9.25
N THR F 141 2.62 -21.18 -10.27
CA THR F 141 1.37 -21.30 -11.04
C THR F 141 0.31 -22.15 -10.31
N LEU F 142 -0.94 -21.76 -10.45
CA LEU F 142 -2.05 -22.50 -9.89
C LEU F 142 -2.89 -23.13 -11.01
N VAL F 143 -2.81 -24.46 -11.14
CA VAL F 143 -3.60 -25.17 -12.12
C VAL F 143 -4.89 -25.66 -11.49
N LYS F 144 -6.01 -25.01 -11.83
CA LYS F 144 -7.30 -25.21 -11.16
C LYS F 144 -7.84 -26.64 -11.31
N GLU F 145 -8.85 -26.95 -10.49
CA GLU F 145 -9.48 -28.27 -10.45
C GLU F 145 -9.96 -28.74 -11.84
N GLY F 146 -9.54 -29.93 -12.26
CA GLY F 146 -10.00 -30.46 -13.53
C GLY F 146 -9.51 -29.78 -14.81
N MET F 147 -8.57 -28.85 -14.67
CA MET F 147 -8.06 -28.12 -15.82
C MET F 147 -7.27 -29.01 -16.78
N GLU F 148 -7.47 -28.78 -18.07
CA GLU F 148 -6.80 -29.56 -19.10
C GLU F 148 -5.79 -28.73 -19.88
N ILE F 149 -4.59 -29.25 -20.01
CA ILE F 149 -3.51 -28.55 -20.65
C ILE F 149 -2.95 -29.39 -21.79
N PRO F 150 -3.14 -28.92 -23.02
CA PRO F 150 -2.68 -29.64 -24.21
C PRO F 150 -1.19 -29.92 -24.15
N ASP F 151 -0.75 -30.96 -24.86
CA ASP F 151 0.66 -31.32 -24.93
C ASP F 151 1.49 -30.15 -25.45
N ASN F 152 2.78 -30.11 -25.09
CA ASN F 152 3.72 -29.10 -25.57
C ASN F 152 3.39 -27.65 -25.19
N SER F 153 2.62 -27.46 -24.12
CA SER F 153 2.20 -26.13 -23.70
C SER F 153 3.13 -25.46 -22.68
N LEU F 154 3.25 -24.14 -22.77
CA LEU F 154 3.90 -23.36 -21.72
C LEU F 154 2.79 -22.68 -20.92
N VAL F 155 2.71 -22.95 -19.62
CA VAL F 155 1.59 -22.45 -18.81
C VAL F 155 2.07 -21.63 -17.63
N VAL F 156 1.58 -20.40 -17.53
CA VAL F 156 1.97 -19.49 -16.45
C VAL F 156 0.78 -18.70 -15.92
N GLY F 157 0.89 -18.19 -14.69
CA GLY F 157 -0.11 -17.28 -14.18
C GLY F 157 -1.01 -17.79 -13.07
N SER F 158 -1.78 -16.86 -12.53
CA SER F 158 -2.84 -17.15 -11.56
C SER F 158 -3.96 -16.15 -11.82
N PRO F 159 -5.02 -16.60 -12.52
CA PRO F 159 -5.26 -17.99 -12.94
C PRO F 159 -4.36 -18.44 -14.11
N ALA F 160 -4.05 -19.73 -14.13
CA ALA F 160 -3.14 -20.27 -15.15
C ALA F 160 -3.75 -20.17 -16.55
N ARG F 161 -2.94 -19.69 -17.49
CA ARG F 161 -3.31 -19.56 -18.90
C ARG F 161 -2.22 -20.18 -19.77
N VAL F 162 -2.62 -20.75 -20.90
CA VAL F 162 -1.65 -21.26 -21.85
C VAL F 162 -1.08 -20.11 -22.68
N LEU F 163 0.23 -19.91 -22.57
CA LEU F 163 0.90 -18.79 -23.21
C LEU F 163 1.21 -19.07 -24.67
N ARG F 164 1.75 -20.24 -24.93
CA ARG F 164 2.16 -20.65 -26.26
C ARG F 164 2.52 -22.12 -26.24
N GLN F 165 2.96 -22.62 -27.40
CA GLN F 165 3.49 -23.97 -27.50
C GLN F 165 4.99 -23.86 -27.31
N LEU F 166 5.60 -24.92 -26.81
CA LEU F 166 7.04 -24.93 -26.67
C LEU F 166 7.64 -25.37 -27.99
N ASP F 167 8.72 -24.71 -28.41
CA ASP F 167 9.47 -25.16 -29.57
C ASP F 167 10.20 -26.45 -29.18
N ASP F 168 10.85 -27.11 -30.13
CA ASP F 168 11.51 -28.38 -29.84
C ASP F 168 12.73 -28.25 -28.94
N ALA F 169 13.31 -27.06 -28.88
CA ALA F 169 14.51 -26.82 -28.07
C ALA F 169 14.17 -26.86 -26.59
N ALA F 170 13.00 -26.32 -26.26
CA ALA F 170 12.50 -26.35 -24.90
C ALA F 170 12.27 -27.78 -24.45
N VAL F 171 11.57 -28.54 -25.29
CA VAL F 171 11.23 -29.93 -25.00
C VAL F 171 12.47 -30.79 -24.70
N GLU F 172 13.61 -30.46 -25.31
CA GLU F 172 14.85 -31.20 -25.05
C GLU F 172 15.46 -30.79 -23.72
N LYS F 173 15.36 -29.51 -23.37
CA LYS F 173 15.86 -29.07 -22.06
C LYS F 173 15.09 -29.78 -20.95
N LEU F 174 13.82 -30.11 -21.21
CA LEU F 174 13.06 -30.95 -20.28
C LEU F 174 13.69 -32.35 -20.10
N ARG F 175 13.97 -33.07 -21.18
CA ARG F 175 14.63 -34.37 -21.03
C ARG F 175 15.99 -34.21 -20.38
N ALA F 176 16.69 -33.13 -20.72
CA ALA F 176 18.00 -32.84 -20.13
C ALA F 176 17.89 -32.71 -18.62
N SER F 177 16.89 -31.98 -18.17
CA SER F 177 16.65 -31.80 -16.74
C SER F 177 16.50 -33.14 -16.02
N ALA F 178 15.60 -33.99 -16.54
CA ALA F 178 15.34 -35.29 -15.91
C ALA F 178 16.63 -36.11 -15.89
N LYS F 179 17.43 -36.02 -16.96
CA LYS F 179 18.69 -36.76 -17.07
C LYS F 179 19.73 -36.30 -16.06
N HIS F 180 19.90 -34.98 -15.95
CA HIS F 180 20.87 -34.43 -15.04
C HIS F 180 20.43 -34.72 -13.61
N TYR F 181 19.13 -34.66 -13.33
CA TYR F 181 18.68 -34.92 -11.96
C TYR F 181 18.87 -36.40 -11.56
N VAL F 182 18.64 -37.34 -12.47
CA VAL F 182 19.02 -38.71 -12.16
C VAL F 182 20.52 -38.87 -11.81
N GLU F 183 21.41 -38.30 -12.61
CA GLU F 183 22.85 -38.38 -12.31
C GLU F 183 23.16 -37.76 -10.95
N ARG F 184 22.57 -36.61 -10.66
CA ARG F 184 22.77 -35.94 -9.37
C ARG F 184 22.25 -36.78 -8.19
N GLY F 185 21.11 -37.46 -8.39
CA GLY F 185 20.55 -38.35 -7.38
C GLY F 185 21.56 -39.42 -7.04
N HIS F 186 22.08 -40.08 -8.07
CA HIS F 186 23.11 -41.10 -7.90
C HIS F 186 24.35 -40.54 -7.20
N SER F 187 24.82 -39.37 -7.64
CA SER F 187 25.96 -38.73 -7.00
C SER F 187 25.72 -38.46 -5.52
N PHE F 188 24.46 -38.25 -5.15
CA PHE F 188 24.18 -37.99 -3.76
C PHE F 188 24.20 -39.26 -2.90
N MET F 189 23.85 -40.39 -3.49
CA MET F 189 23.93 -41.68 -2.77
C MET F 189 25.37 -42.03 -2.47
N ARG F 190 26.26 -41.62 -3.37
CA ARG F 190 27.67 -41.98 -3.27
C ARG F 190 28.46 -40.89 -2.55
N GLY F 191 28.21 -39.63 -2.92
CA GLY F 191 29.03 -38.53 -2.45
C GLY F 191 28.50 -37.60 -1.37
N MET F 192 27.44 -37.98 -0.67
CA MET F 192 26.99 -37.14 0.43
C MET F 192 27.26 -37.75 1.79
N GLU F 193 28.03 -37.01 2.59
CA GLU F 193 28.44 -37.45 3.92
C GLU F 193 28.21 -36.35 4.93
N PRO F 194 27.96 -36.71 6.20
CA PRO F 194 27.96 -35.73 7.29
C PRO F 194 29.33 -35.05 7.44
N ALA F 195 29.33 -33.86 8.04
CA ALA F 195 30.57 -33.11 8.22
C ALA F 195 30.50 -32.24 9.49
#